data_5JY1
#
_entry.id   5JY1
#
_cell.length_a   68.410
_cell.length_b   95.700
_cell.length_c   84.140
_cell.angle_alpha   90.000
_cell.angle_beta   98.520
_cell.angle_gamma   90.000
#
_symmetry.space_group_name_H-M   'P 1 21 1'
#
loop_
_entity.id
_entity.type
_entity.pdbx_description
1 polymer 'Putative short-chain dehydrogenase/reductase'
2 non-polymer NICOTINAMIDE-ADENINE-DINUCLEOTIDE
3 non-polymer 'CHLORIDE ION'
4 non-polymer 1,2-ETHANEDIOL
5 non-polymer 'ACETATE ION'
6 water water
#
_entity_poly.entity_id   1
_entity_poly.type   'polypeptide(L)'
_entity_poly.pdbx_seq_one_letter_code
;MAHHHHHHMGLLEQRVALVTGAGGGIGRGVARSFGNEGAAVIIAEINESTGRQVEQEIREMGGRSLFVKTDVTSKASIEA
AVRSAVEQFGSLDILVNNAFVPTPNVLLEEKTDEMLEQTLTTSLWATWWAMRAAFVPMRERRWGRIVNFYSIDTETGAWL
HGDYNTAKAGIVGLTRSAASEWGRFNITVNAIAPTAMGATFFELAAKNPEFAERSAAARPLGRSGDPEQDIGPAAVFFAS
EMSRFVTGETLHVDGGLHLPGYNSRPAGIKPREY
;
_entity_poly.pdbx_strand_id   A,B,C,D
#
# COMPACT_ATOMS: atom_id res chain seq x y z
N MET A 9 8.10 -18.56 -31.06
CA MET A 9 7.00 -19.16 -30.32
C MET A 9 6.20 -18.09 -29.59
N GLY A 10 4.93 -17.91 -29.97
CA GLY A 10 4.09 -16.95 -29.28
C GLY A 10 3.84 -17.37 -27.84
N LEU A 11 3.67 -16.36 -26.98
CA LEU A 11 3.54 -16.60 -25.55
C LEU A 11 2.19 -17.19 -25.16
N LEU A 12 1.20 -17.15 -26.05
CA LEU A 12 -0.14 -17.64 -25.74
C LEU A 12 -0.60 -18.69 -26.73
N GLU A 13 0.35 -19.39 -27.37
CA GLU A 13 -0.02 -20.43 -28.33
CA GLU A 13 -0.01 -20.43 -28.32
C GLU A 13 -0.89 -21.49 -27.67
N GLN A 14 -1.89 -21.96 -28.42
CA GLN A 14 -2.85 -22.96 -27.99
C GLN A 14 -3.70 -22.52 -26.79
N ARG A 15 -3.72 -21.23 -26.46
CA ARG A 15 -4.60 -20.70 -25.43
C ARG A 15 -5.75 -19.92 -26.05
N VAL A 16 -6.86 -19.82 -25.31
CA VAL A 16 -8.07 -19.14 -25.76
C VAL A 16 -8.36 -18.02 -24.76
N ALA A 17 -8.63 -16.81 -25.28
CA ALA A 17 -8.83 -15.63 -24.44
C ALA A 17 -10.17 -14.98 -24.77
N LEU A 18 -10.82 -14.44 -23.73
CA LEU A 18 -12.02 -13.63 -23.91
C LEU A 18 -11.77 -12.26 -23.30
N VAL A 19 -11.94 -11.21 -24.11
CA VAL A 19 -11.69 -9.83 -23.70
C VAL A 19 -13.00 -9.06 -23.83
N THR A 20 -13.53 -8.56 -22.72
CA THR A 20 -14.75 -7.77 -22.79
C THR A 20 -14.43 -6.35 -23.23
N GLY A 21 -15.37 -5.75 -23.95
CA GLY A 21 -15.16 -4.40 -24.46
C GLY A 21 -14.01 -4.29 -25.43
N ALA A 22 -13.73 -5.34 -26.20
CA ALA A 22 -12.55 -5.39 -27.04
C ALA A 22 -12.73 -4.71 -28.40
N GLY A 23 -13.84 -3.98 -28.60
CA GLY A 23 -14.01 -3.25 -29.85
C GLY A 23 -13.19 -1.98 -29.95
N GLY A 24 -12.76 -1.41 -28.83
CA GLY A 24 -12.02 -0.17 -28.87
C GLY A 24 -11.06 -0.04 -27.71
N GLY A 25 -10.29 1.05 -27.75
CA GLY A 25 -9.49 1.47 -26.60
C GLY A 25 -8.49 0.41 -26.16
N ILE A 26 -8.40 0.25 -24.83
CA ILE A 26 -7.42 -0.69 -24.28
C ILE A 26 -7.80 -2.13 -24.61
N GLY A 27 -9.10 -2.45 -24.57
CA GLY A 27 -9.52 -3.81 -24.86
C GLY A 27 -9.13 -4.24 -26.26
N ARG A 28 -9.27 -3.33 -27.23
CA ARG A 28 -8.83 -3.62 -28.59
C ARG A 28 -7.33 -3.83 -28.66
N GLY A 29 -6.56 -3.00 -27.94
CA GLY A 29 -5.12 -3.17 -27.94
C GLY A 29 -4.70 -4.48 -27.31
N VAL A 30 -5.36 -4.86 -26.22
CA VAL A 30 -5.08 -6.16 -25.59
C VAL A 30 -5.45 -7.30 -26.53
N ALA A 31 -6.63 -7.23 -27.15
CA ALA A 31 -7.05 -8.30 -28.04
C ALA A 31 -6.07 -8.49 -29.20
N ARG A 32 -5.63 -7.39 -29.81
CA ARG A 32 -4.66 -7.49 -30.90
C ARG A 32 -3.32 -8.04 -30.42
N SER A 33 -2.88 -7.63 -29.23
CA SER A 33 -1.64 -8.17 -28.68
CA SER A 33 -1.64 -8.15 -28.67
C SER A 33 -1.76 -9.66 -28.44
N PHE A 34 -2.89 -10.11 -27.88
CA PHE A 34 -3.12 -11.54 -27.68
C PHE A 34 -3.12 -12.29 -29.01
N GLY A 35 -3.75 -11.73 -30.04
CA GLY A 35 -3.78 -12.41 -31.32
C GLY A 35 -2.39 -12.63 -31.88
N ASN A 36 -1.50 -11.64 -31.71
CA ASN A 36 -0.14 -11.76 -32.22
C ASN A 36 0.70 -12.74 -31.41
N GLU A 37 0.28 -13.08 -30.19
CA GLU A 37 0.96 -14.09 -29.39
C GLU A 37 0.35 -15.49 -29.56
N GLY A 38 -0.57 -15.67 -30.50
CA GLY A 38 -1.07 -16.98 -30.83
C GLY A 38 -2.35 -17.41 -30.16
N ALA A 39 -2.94 -16.56 -29.33
CA ALA A 39 -4.20 -16.92 -28.68
C ALA A 39 -5.35 -16.73 -29.66
N ALA A 40 -6.38 -17.56 -29.49
CA ALA A 40 -7.66 -17.34 -30.14
C ALA A 40 -8.44 -16.39 -29.27
N VAL A 41 -8.91 -15.28 -29.82
CA VAL A 41 -9.44 -14.19 -29.01
C VAL A 41 -10.92 -14.02 -29.30
N ILE A 42 -11.74 -14.17 -28.26
CA ILE A 42 -13.16 -13.84 -28.34
C ILE A 42 -13.32 -12.35 -28.07
N ILE A 43 -13.94 -11.65 -29.02
CA ILE A 43 -14.17 -10.21 -28.92
C ILE A 43 -15.56 -10.06 -28.31
N ALA A 44 -15.62 -9.96 -26.98
CA ALA A 44 -16.90 -9.93 -26.27
C ALA A 44 -17.33 -8.48 -26.10
N GLU A 45 -18.02 -7.96 -27.11
CA GLU A 45 -18.23 -6.53 -27.29
C GLU A 45 -19.70 -6.26 -27.62
N ILE A 46 -20.25 -5.17 -27.07
CA ILE A 46 -21.66 -4.85 -27.31
C ILE A 46 -21.86 -4.12 -28.64
N ASN A 47 -20.86 -3.35 -29.09
CA ASN A 47 -20.94 -2.61 -30.34
C ASN A 47 -20.57 -3.56 -31.47
N GLU A 48 -21.57 -3.94 -32.27
CA GLU A 48 -21.32 -4.94 -33.31
C GLU A 48 -20.33 -4.42 -34.34
N SER A 49 -20.38 -3.13 -34.66
CA SER A 49 -19.51 -2.60 -35.72
C SER A 49 -18.05 -2.64 -35.32
N THR A 50 -17.72 -2.11 -34.15
CA THR A 50 -16.31 -2.12 -33.73
C THR A 50 -15.87 -3.52 -33.33
N GLY A 51 -16.78 -4.34 -32.78
CA GLY A 51 -16.41 -5.70 -32.41
C GLY A 51 -16.02 -6.55 -33.61
N ARG A 52 -16.79 -6.45 -34.69
CA ARG A 52 -16.43 -7.16 -35.91
C ARG A 52 -15.16 -6.61 -36.53
N GLN A 53 -14.94 -5.30 -36.43
CA GLN A 53 -13.74 -4.69 -37.00
C GLN A 53 -12.48 -5.26 -36.36
N VAL A 54 -12.51 -5.50 -35.05
CA VAL A 54 -11.33 -6.03 -34.36
C VAL A 54 -11.13 -7.51 -34.67
N GLU A 55 -12.23 -8.28 -34.71
CA GLU A 55 -12.13 -9.67 -35.15
C GLU A 55 -11.42 -9.77 -36.50
N GLN A 56 -11.84 -8.94 -37.45
CA GLN A 56 -11.23 -8.98 -38.78
C GLN A 56 -9.78 -8.48 -38.77
N GLU A 57 -9.47 -7.49 -37.93
CA GLU A 57 -8.09 -7.04 -37.81
C GLU A 57 -7.18 -8.17 -37.36
N ILE A 58 -7.59 -8.92 -36.34
CA ILE A 58 -6.77 -10.01 -35.82
C ILE A 58 -6.59 -11.09 -36.89
N ARG A 59 -7.66 -11.39 -37.63
CA ARG A 59 -7.56 -12.39 -38.70
C ARG A 59 -6.63 -11.93 -39.81
N GLU A 60 -6.75 -10.66 -40.23
CA GLU A 60 -5.92 -10.14 -41.30
C GLU A 60 -4.44 -10.14 -40.92
N MET A 61 -4.13 -10.11 -39.63
CA MET A 61 -2.76 -10.19 -39.15
C MET A 61 -2.30 -11.62 -38.93
N GLY A 62 -3.09 -12.60 -39.33
CA GLY A 62 -2.71 -14.00 -39.22
C GLY A 62 -3.14 -14.69 -37.95
N GLY A 63 -3.92 -14.05 -37.09
CA GLY A 63 -4.38 -14.66 -35.85
C GLY A 63 -5.76 -15.28 -35.98
N ARG A 64 -6.26 -15.76 -34.84
CA ARG A 64 -7.59 -16.37 -34.73
CA ARG A 64 -7.59 -16.35 -34.75
C ARG A 64 -8.45 -15.51 -33.80
N SER A 65 -9.68 -15.25 -34.22
CA SER A 65 -10.58 -14.41 -33.43
C SER A 65 -12.02 -14.73 -33.80
N LEU A 66 -12.93 -14.43 -32.87
CA LEU A 66 -14.36 -14.52 -33.13
C LEU A 66 -15.06 -13.42 -32.36
N PHE A 67 -15.82 -12.59 -33.08
CA PHE A 67 -16.67 -11.62 -32.43
C PHE A 67 -17.91 -12.33 -31.88
N VAL A 68 -18.20 -12.10 -30.61
CA VAL A 68 -19.41 -12.61 -29.96
C VAL A 68 -20.09 -11.42 -29.30
N LYS A 69 -21.24 -11.01 -29.83
CA LYS A 69 -21.94 -9.90 -29.22
C LYS A 69 -22.26 -10.23 -27.77
N THR A 70 -21.88 -9.34 -26.87
CA THR A 70 -21.94 -9.55 -25.43
C THR A 70 -22.29 -8.25 -24.74
N ASP A 71 -23.27 -8.31 -23.83
CA ASP A 71 -23.67 -7.19 -22.98
C ASP A 71 -23.31 -7.59 -21.56
N VAL A 72 -22.23 -7.01 -21.01
CA VAL A 72 -21.72 -7.43 -19.71
C VAL A 72 -22.60 -6.95 -18.56
N THR A 73 -23.67 -6.20 -18.86
CA THR A 73 -24.67 -5.94 -17.83
C THR A 73 -25.65 -7.10 -17.67
N SER A 74 -25.52 -8.16 -18.47
CA SER A 74 -26.42 -9.30 -18.41
C SER A 74 -25.61 -10.56 -18.12
N LYS A 75 -25.90 -11.17 -16.97
CA LYS A 75 -25.25 -12.43 -16.60
C LYS A 75 -25.40 -13.48 -17.70
N ALA A 76 -26.61 -13.61 -18.26
CA ALA A 76 -26.84 -14.62 -19.29
C ALA A 76 -25.96 -14.38 -20.51
N SER A 77 -25.78 -13.10 -20.90
CA SER A 77 -24.99 -12.80 -22.09
C SER A 77 -23.53 -13.14 -21.88
N ILE A 78 -23.00 -12.83 -20.69
CA ILE A 78 -21.63 -13.19 -20.35
C ILE A 78 -21.46 -14.71 -20.37
N GLU A 79 -22.41 -15.43 -19.75
CA GLU A 79 -22.31 -16.89 -19.70
C GLU A 79 -22.39 -17.48 -21.10
N ALA A 80 -23.22 -16.89 -21.96
CA ALA A 80 -23.30 -17.35 -23.33
C ALA A 80 -21.98 -17.14 -24.07
N ALA A 81 -21.31 -16.00 -23.82
CA ALA A 81 -20.04 -15.74 -24.48
C ALA A 81 -18.96 -16.71 -24.02
N VAL A 82 -18.97 -17.07 -22.73
CA VAL A 82 -18.01 -18.05 -22.22
C VAL A 82 -18.25 -19.42 -22.87
N ARG A 83 -19.53 -19.82 -23.02
CA ARG A 83 -19.80 -21.06 -23.73
C ARG A 83 -19.34 -20.99 -25.18
N SER A 84 -19.54 -19.85 -25.83
CA SER A 84 -19.09 -19.69 -27.22
C SER A 84 -17.58 -19.91 -27.33
N ALA A 85 -16.81 -19.36 -26.39
CA ALA A 85 -15.35 -19.57 -26.41
C ALA A 85 -15.02 -21.06 -26.34
N VAL A 86 -15.63 -21.79 -25.39
CA VAL A 86 -15.30 -23.20 -25.23
C VAL A 86 -15.79 -24.01 -26.42
N GLU A 87 -17.00 -23.72 -26.90
CA GLU A 87 -17.56 -24.47 -28.02
C GLU A 87 -16.75 -24.25 -29.30
N GLN A 88 -16.34 -23.01 -29.56
CA GLN A 88 -15.68 -22.70 -30.82
C GLN A 88 -14.19 -23.06 -30.80
N PHE A 89 -13.51 -22.86 -29.67
CA PHE A 89 -12.07 -23.02 -29.65
C PHE A 89 -11.56 -24.07 -28.66
N GLY A 90 -12.41 -24.63 -27.81
CA GLY A 90 -12.05 -25.78 -27.01
C GLY A 90 -11.73 -25.50 -25.55
N SER A 91 -11.62 -24.24 -25.15
CA SER A 91 -11.25 -23.88 -23.79
C SER A 91 -11.54 -22.39 -23.59
N LEU A 92 -11.38 -21.94 -22.34
CA LEU A 92 -11.31 -20.49 -22.06
C LEU A 92 -10.24 -20.31 -20.99
N ASP A 93 -9.00 -20.14 -21.46
CA ASP A 93 -7.84 -20.12 -20.59
C ASP A 93 -7.60 -18.76 -19.95
N ILE A 94 -8.01 -17.68 -20.60
CA ILE A 94 -7.64 -16.32 -20.24
C ILE A 94 -8.89 -15.44 -20.29
N LEU A 95 -9.16 -14.70 -19.21
CA LEU A 95 -10.28 -13.76 -19.18
C LEU A 95 -9.76 -12.36 -18.86
N VAL A 96 -10.13 -11.38 -19.67
CA VAL A 96 -9.78 -9.98 -19.45
C VAL A 96 -11.05 -9.18 -19.30
N ASN A 97 -11.25 -8.57 -18.12
CA ASN A 97 -12.48 -7.84 -17.80
C ASN A 97 -12.20 -6.35 -17.99
N ASN A 98 -12.54 -5.84 -19.16
CA ASN A 98 -12.08 -4.54 -19.58
C ASN A 98 -13.21 -3.54 -19.88
N ALA A 99 -14.43 -4.02 -20.15
CA ALA A 99 -15.51 -3.14 -20.60
C ALA A 99 -15.79 -2.02 -19.60
N PHE A 100 -16.20 -0.87 -20.14
CA PHE A 100 -16.38 0.34 -19.34
C PHE A 100 -17.49 1.19 -19.95
N VAL A 101 -18.31 1.79 -19.09
CA VAL A 101 -19.32 2.77 -19.50
C VAL A 101 -19.21 3.98 -18.58
N PRO A 102 -19.04 5.19 -19.12
CA PRO A 102 -18.90 6.36 -18.26
C PRO A 102 -20.22 6.88 -17.70
N THR A 103 -20.12 7.52 -16.55
CA THR A 103 -21.19 8.35 -15.98
C THR A 103 -20.74 9.81 -16.00
N PRO A 104 -21.67 10.76 -15.86
CA PRO A 104 -21.28 12.17 -15.88
C PRO A 104 -20.24 12.51 -14.81
N ASN A 105 -19.28 13.35 -15.19
CA ASN A 105 -18.24 13.84 -14.28
C ASN A 105 -18.82 14.96 -13.45
N VAL A 106 -19.33 14.62 -12.26
CA VAL A 106 -19.99 15.58 -11.38
C VAL A 106 -19.47 15.34 -9.96
N LEU A 107 -19.64 16.35 -9.12
CA LEU A 107 -19.22 16.25 -7.72
C LEU A 107 -19.93 15.10 -7.03
N LEU A 108 -19.28 14.56 -6.00
CA LEU A 108 -19.76 13.34 -5.34
C LEU A 108 -21.19 13.51 -4.83
N GLU A 109 -21.48 14.66 -4.21
CA GLU A 109 -22.84 14.90 -3.71
C GLU A 109 -23.84 15.10 -4.85
N GLU A 110 -23.39 15.26 -6.09
CA GLU A 110 -24.27 15.39 -7.23
C GLU A 110 -24.43 14.10 -8.04
N LYS A 111 -23.59 13.09 -7.80
CA LYS A 111 -23.84 11.77 -8.35
C LYS A 111 -25.22 11.27 -7.88
N THR A 112 -25.88 10.51 -8.73
CA THR A 112 -27.16 9.91 -8.36
C THR A 112 -26.95 8.46 -7.98
N ASP A 113 -27.91 7.92 -7.22
CA ASP A 113 -27.90 6.48 -6.95
C ASP A 113 -27.90 5.68 -8.25
N GLU A 114 -28.60 6.19 -9.27
CA GLU A 114 -28.65 5.48 -10.55
C GLU A 114 -27.26 5.39 -11.17
N MET A 115 -26.45 6.44 -11.04
CA MET A 115 -25.09 6.38 -11.58
C MET A 115 -24.26 5.32 -10.86
N LEU A 116 -24.34 5.26 -9.52
CA LEU A 116 -23.59 4.24 -8.80
C LEU A 116 -24.05 2.83 -9.16
N GLU A 117 -25.36 2.64 -9.29
CA GLU A 117 -25.85 1.33 -9.70
C GLU A 117 -25.32 0.94 -11.07
N GLN A 118 -25.34 1.87 -12.02
CA GLN A 118 -24.87 1.58 -13.37
C GLN A 118 -23.39 1.24 -13.38
N THR A 119 -22.59 2.00 -12.61
CA THR A 119 -21.16 1.74 -12.56
C THR A 119 -20.84 0.44 -11.85
N LEU A 120 -21.55 0.14 -10.76
CA LEU A 120 -21.39 -1.16 -10.10
C LEU A 120 -21.73 -2.30 -11.05
N THR A 121 -22.77 -2.13 -11.88
CA THR A 121 -23.17 -3.18 -12.81
C THR A 121 -22.12 -3.39 -13.89
N THR A 122 -21.69 -2.31 -14.56
CA THR A 122 -20.83 -2.47 -15.73
C THR A 122 -19.39 -2.83 -15.36
N SER A 123 -18.95 -2.41 -14.18
CA SER A 123 -17.61 -2.77 -13.71
C SER A 123 -17.64 -4.00 -12.80
N LEU A 124 -18.30 -3.88 -11.65
CA LEU A 124 -18.13 -4.89 -10.62
C LEU A 124 -18.91 -6.16 -10.93
N TRP A 125 -20.23 -6.04 -11.17
CA TRP A 125 -21.02 -7.22 -11.45
C TRP A 125 -20.54 -7.92 -12.72
N ALA A 126 -20.23 -7.15 -13.75
CA ALA A 126 -19.71 -7.74 -14.98
C ALA A 126 -18.49 -8.60 -14.71
N THR A 127 -17.56 -8.10 -13.89
CA THR A 127 -16.36 -8.85 -13.56
C THR A 127 -16.70 -10.10 -12.75
N TRP A 128 -17.55 -9.94 -11.73
CA TRP A 128 -18.03 -11.06 -10.92
C TRP A 128 -18.64 -12.16 -11.77
N TRP A 129 -19.58 -11.81 -12.66
CA TRP A 129 -20.26 -12.82 -13.48
C TRP A 129 -19.28 -13.50 -14.41
N ALA A 130 -18.39 -12.73 -15.03
CA ALA A 130 -17.48 -13.34 -15.99
C ALA A 130 -16.46 -14.22 -15.30
N MET A 131 -15.94 -13.79 -14.14
CA MET A 131 -15.00 -14.63 -13.39
C MET A 131 -15.62 -15.96 -13.02
N ARG A 132 -16.83 -15.94 -12.46
CA ARG A 132 -17.45 -17.19 -12.04
C ARG A 132 -17.84 -18.08 -13.23
N ALA A 133 -18.15 -17.49 -14.39
CA ALA A 133 -18.45 -18.32 -15.56
C ALA A 133 -17.18 -18.93 -16.16
N ALA A 134 -16.13 -18.13 -16.30
CA ALA A 134 -14.87 -18.63 -16.84
C ALA A 134 -14.21 -19.63 -15.89
N PHE A 135 -14.46 -19.49 -14.60
CA PHE A 135 -13.94 -20.41 -13.60
C PHE A 135 -14.26 -21.87 -13.92
N VAL A 136 -15.42 -22.16 -14.50
CA VAL A 136 -15.84 -23.54 -14.70
C VAL A 136 -14.86 -24.24 -15.66
N PRO A 137 -14.64 -23.76 -16.88
CA PRO A 137 -13.65 -24.44 -17.73
C PRO A 137 -12.23 -24.33 -17.20
N MET A 138 -11.87 -23.24 -16.51
CA MET A 138 -10.53 -23.10 -15.97
C MET A 138 -10.26 -24.12 -14.87
N ARG A 139 -11.21 -24.29 -13.95
CA ARG A 139 -11.05 -25.30 -12.91
C ARG A 139 -10.86 -26.69 -13.51
N GLU A 140 -11.68 -27.03 -14.51
CA GLU A 140 -11.61 -28.37 -15.08
C GLU A 140 -10.24 -28.65 -15.67
N ARG A 141 -9.63 -27.64 -16.29
CA ARG A 141 -8.35 -27.80 -16.96
C ARG A 141 -7.16 -27.50 -16.06
N ARG A 142 -7.44 -27.06 -14.81
CA ARG A 142 -6.40 -26.70 -13.85
C ARG A 142 -5.41 -25.70 -14.45
N TRP A 143 -5.95 -24.68 -15.13
CA TRP A 143 -5.12 -23.62 -15.71
C TRP A 143 -6.02 -22.43 -16.01
N GLY A 144 -5.67 -21.26 -15.48
CA GLY A 144 -6.45 -20.07 -15.76
C GLY A 144 -5.67 -18.81 -15.49
N ARG A 145 -5.97 -17.76 -16.25
CA ARG A 145 -5.43 -16.42 -16.05
C ARG A 145 -6.57 -15.44 -16.14
N ILE A 146 -6.80 -14.69 -15.06
CA ILE A 146 -7.82 -13.65 -15.05
C ILE A 146 -7.12 -12.32 -14.86
N VAL A 147 -7.40 -11.36 -15.74
CA VAL A 147 -6.80 -10.02 -15.72
C VAL A 147 -7.94 -9.03 -15.55
N ASN A 148 -8.00 -8.38 -14.38
CA ASN A 148 -9.00 -7.35 -14.15
C ASN A 148 -8.36 -5.97 -14.30
N PHE A 149 -9.19 -4.96 -14.55
CA PHE A 149 -8.71 -3.60 -14.73
CA PHE A 149 -8.71 -3.60 -14.73
C PHE A 149 -9.33 -2.70 -13.67
N TYR A 150 -8.48 -2.00 -12.93
CA TYR A 150 -8.99 -0.98 -12.01
C TYR A 150 -8.38 0.34 -12.44
N SER A 151 -8.19 1.29 -11.53
CA SER A 151 -7.73 2.60 -11.96
C SER A 151 -6.96 3.28 -10.84
N ILE A 152 -5.96 4.07 -11.24
CA ILE A 152 -5.26 4.96 -10.32
C ILE A 152 -6.23 5.90 -9.62
N ASP A 153 -7.39 6.19 -10.23
CA ASP A 153 -8.38 7.04 -9.58
C ASP A 153 -8.86 6.46 -8.25
N THR A 154 -8.84 5.13 -8.10
CA THR A 154 -9.26 4.53 -6.83
C THR A 154 -8.28 4.83 -5.72
N GLU A 155 -7.05 5.20 -6.06
CA GLU A 155 -6.01 5.48 -5.09
C GLU A 155 -5.84 6.96 -4.81
N THR A 156 -6.15 7.82 -5.79
CA THR A 156 -6.11 9.25 -5.55
C THR A 156 -7.46 9.80 -5.11
N GLY A 157 -8.52 8.99 -5.16
CA GLY A 157 -9.87 9.49 -4.93
C GLY A 157 -10.22 10.59 -5.92
N ALA A 158 -9.97 10.34 -7.21
CA ALA A 158 -10.04 11.40 -8.20
C ALA A 158 -11.41 12.09 -8.20
N TRP A 159 -11.38 13.43 -8.27
CA TRP A 159 -12.59 14.23 -8.30
C TRP A 159 -13.49 13.81 -9.46
N LEU A 160 -14.81 13.90 -9.23
CA LEU A 160 -15.88 13.75 -10.21
C LEU A 160 -16.09 12.30 -10.61
N HIS A 161 -15.36 11.35 -10.05
CA HIS A 161 -15.41 9.94 -10.41
C HIS A 161 -15.79 9.05 -9.23
N GLY A 162 -16.52 9.60 -8.25
CA GLY A 162 -16.74 8.88 -7.00
C GLY A 162 -17.35 7.49 -7.18
N ASP A 163 -18.31 7.35 -8.10
CA ASP A 163 -18.93 6.04 -8.33
C ASP A 163 -17.93 5.08 -8.97
N TYR A 164 -17.21 5.55 -9.99
CA TYR A 164 -16.17 4.75 -10.63
C TYR A 164 -15.12 4.31 -9.62
N ASN A 165 -14.65 5.24 -8.78
CA ASN A 165 -13.62 4.92 -7.79
C ASN A 165 -14.09 3.84 -6.83
N THR A 166 -15.36 3.90 -6.42
CA THR A 166 -15.92 2.91 -5.52
C THR A 166 -15.99 1.53 -6.19
N ALA A 167 -16.53 1.48 -7.41
CA ALA A 167 -16.69 0.19 -8.09
C ALA A 167 -15.34 -0.44 -8.42
N LYS A 168 -14.39 0.37 -8.91
CA LYS A 168 -13.07 -0.17 -9.25
C LYS A 168 -12.28 -0.58 -8.02
N ALA A 169 -12.50 0.08 -6.87
CA ALA A 169 -11.92 -0.40 -5.63
C ALA A 169 -12.48 -1.78 -5.27
N GLY A 170 -13.79 -1.97 -5.45
CA GLY A 170 -14.37 -3.30 -5.25
C GLY A 170 -13.71 -4.36 -6.11
N ILE A 171 -13.34 -4.00 -7.35
CA ILE A 171 -12.68 -4.95 -8.23
CA ILE A 171 -12.65 -4.94 -8.24
C ILE A 171 -11.36 -5.45 -7.61
N VAL A 172 -10.63 -4.58 -6.91
CA VAL A 172 -9.40 -5.01 -6.25
C VAL A 172 -9.69 -6.03 -5.16
N GLY A 173 -10.72 -5.78 -4.36
CA GLY A 173 -11.07 -6.75 -3.33
C GLY A 173 -11.48 -8.09 -3.92
N LEU A 174 -12.23 -8.07 -5.03
CA LEU A 174 -12.65 -9.30 -5.69
C LEU A 174 -11.45 -10.03 -6.28
N THR A 175 -10.51 -9.27 -6.86
CA THR A 175 -9.29 -9.84 -7.42
C THR A 175 -8.49 -10.60 -6.36
N ARG A 176 -8.26 -9.95 -5.21
CA ARG A 176 -7.53 -10.62 -4.13
C ARG A 176 -8.26 -11.85 -3.63
N SER A 177 -9.60 -11.80 -3.53
CA SER A 177 -10.35 -12.94 -3.01
C SER A 177 -10.19 -14.14 -3.92
N ALA A 178 -10.36 -13.93 -5.22
CA ALA A 178 -10.26 -15.04 -6.15
C ALA A 178 -8.83 -15.54 -6.27
N ALA A 179 -7.85 -14.63 -6.22
CA ALA A 179 -6.46 -15.08 -6.21
C ALA A 179 -6.19 -15.98 -5.02
N SER A 180 -6.69 -15.61 -3.85
CA SER A 180 -6.47 -16.39 -2.64
CA SER A 180 -6.48 -16.40 -2.65
C SER A 180 -7.06 -17.79 -2.78
N GLU A 181 -8.31 -17.88 -3.24
CA GLU A 181 -9.01 -19.17 -3.23
C GLU A 181 -8.72 -20.04 -4.45
N TRP A 182 -8.55 -19.45 -5.63
CA TRP A 182 -8.52 -20.23 -6.86
C TRP A 182 -7.11 -20.63 -7.28
N GLY A 183 -6.09 -20.20 -6.54
CA GLY A 183 -4.74 -20.67 -6.83
C GLY A 183 -4.58 -22.17 -6.71
N ARG A 184 -5.43 -22.82 -5.90
CA ARG A 184 -5.34 -24.27 -5.77
C ARG A 184 -5.60 -24.98 -7.09
N PHE A 185 -6.25 -24.31 -8.05
CA PHE A 185 -6.49 -24.86 -9.38
C PHE A 185 -5.53 -24.30 -10.42
N ASN A 186 -4.45 -23.62 -10.01
CA ASN A 186 -3.54 -22.95 -10.95
C ASN A 186 -4.28 -21.89 -11.77
N ILE A 187 -5.23 -21.22 -11.13
CA ILE A 187 -5.88 -20.03 -11.69
C ILE A 187 -5.33 -18.81 -10.97
N THR A 188 -4.64 -17.93 -11.70
CA THR A 188 -4.16 -16.69 -11.10
C THR A 188 -5.09 -15.54 -11.45
N VAL A 189 -5.10 -14.52 -10.59
CA VAL A 189 -6.01 -13.40 -10.72
C VAL A 189 -5.24 -12.15 -10.31
N ASN A 190 -5.10 -11.20 -11.23
CA ASN A 190 -4.33 -9.98 -11.00
C ASN A 190 -5.09 -8.80 -11.60
N ALA A 191 -4.72 -7.59 -11.18
CA ALA A 191 -5.42 -6.40 -11.65
C ALA A 191 -4.41 -5.38 -12.17
N ILE A 192 -4.72 -4.78 -13.31
CA ILE A 192 -3.89 -3.74 -13.93
C ILE A 192 -4.59 -2.40 -13.78
N ALA A 193 -3.83 -1.38 -13.41
CA ALA A 193 -4.29 0.02 -13.42
C ALA A 193 -3.60 0.72 -14.58
N PRO A 194 -4.23 0.78 -15.73
CA PRO A 194 -3.57 1.32 -16.93
C PRO A 194 -3.90 2.79 -17.15
N THR A 195 -3.06 3.49 -17.91
CA THR A 195 -3.50 4.71 -18.58
C THR A 195 -3.09 4.59 -20.04
N ALA A 196 -3.96 5.04 -20.93
CA ALA A 196 -3.65 4.95 -22.36
C ALA A 196 -4.59 5.84 -23.15
N MET A 197 -4.25 6.04 -24.43
CA MET A 197 -5.03 6.88 -25.33
C MET A 197 -6.23 6.08 -25.84
N GLY A 198 -7.28 6.06 -25.02
CA GLY A 198 -8.55 5.44 -25.37
C GLY A 198 -9.62 6.46 -25.69
N ALA A 199 -10.88 6.02 -25.61
CA ALA A 199 -11.98 6.90 -25.99
C ALA A 199 -12.04 8.15 -25.12
N THR A 200 -11.82 7.99 -23.81
CA THR A 200 -11.84 9.14 -22.91
C THR A 200 -10.71 10.11 -23.24
N PHE A 201 -9.53 9.60 -23.59
CA PHE A 201 -8.38 10.45 -23.87
C PHE A 201 -8.67 11.39 -25.03
N PHE A 202 -9.21 10.85 -26.13
CA PHE A 202 -9.41 11.67 -27.31
C PHE A 202 -10.57 12.65 -27.14
N GLU A 203 -11.57 12.29 -26.33
CA GLU A 203 -12.62 13.25 -25.99
C GLU A 203 -12.04 14.45 -25.26
N LEU A 204 -11.18 14.21 -24.26
CA LEU A 204 -10.58 15.29 -23.51
C LEU A 204 -9.65 16.12 -24.38
N ALA A 205 -8.88 15.46 -25.25
CA ALA A 205 -7.94 16.17 -26.10
C ALA A 205 -8.67 17.10 -27.07
N ALA A 206 -9.87 16.70 -27.51
CA ALA A 206 -10.61 17.52 -28.47
C ALA A 206 -11.10 18.82 -27.85
N LYS A 207 -11.44 18.81 -26.56
CA LYS A 207 -11.90 20.01 -25.89
C LYS A 207 -10.77 20.86 -25.33
N ASN A 208 -9.57 20.32 -25.18
CA ASN A 208 -8.43 21.04 -24.62
C ASN A 208 -7.19 20.81 -25.47
N PRO A 209 -6.66 21.84 -26.12
CA PRO A 209 -5.51 21.63 -27.02
C PRO A 209 -4.23 21.30 -26.30
N GLU A 210 -4.07 21.74 -25.04
CA GLU A 210 -2.86 21.47 -24.28
C GLU A 210 -2.97 20.22 -23.41
N PHE A 211 -4.11 19.52 -23.45
CA PHE A 211 -4.32 18.38 -22.57
C PHE A 211 -3.30 17.28 -22.81
N ALA A 212 -3.10 16.90 -24.07
CA ALA A 212 -2.25 15.74 -24.37
C ALA A 212 -0.81 16.00 -23.93
N GLU A 213 -0.31 17.21 -24.18
CA GLU A 213 1.06 17.54 -23.80
C GLU A 213 1.23 17.50 -22.29
N ARG A 214 0.29 18.13 -21.56
CA ARG A 214 0.35 18.13 -20.11
C ARG A 214 0.20 16.73 -19.55
N SER A 215 -0.63 15.90 -20.20
CA SER A 215 -0.83 14.54 -19.71
C SER A 215 0.44 13.71 -19.86
N ALA A 216 1.15 13.87 -20.99
CA ALA A 216 2.40 13.16 -21.18
C ALA A 216 3.44 13.62 -20.16
N ALA A 217 3.52 14.94 -19.91
CA ALA A 217 4.52 15.48 -19.00
C ALA A 217 4.23 15.18 -17.53
N ALA A 218 3.02 14.73 -17.22
CA ALA A 218 2.65 14.47 -15.82
C ALA A 218 3.34 13.25 -15.22
N ARG A 219 4.06 12.44 -16.00
CA ARG A 219 4.52 11.16 -15.49
C ARG A 219 6.00 10.96 -15.77
N PRO A 220 6.66 10.05 -15.04
CA PRO A 220 8.11 9.87 -15.18
C PRO A 220 8.60 9.53 -16.58
N LEU A 221 7.84 8.75 -17.34
CA LEU A 221 8.32 8.40 -18.69
C LEU A 221 7.97 9.46 -19.71
N GLY A 222 7.21 10.49 -19.34
CA GLY A 222 7.07 11.66 -20.19
C GLY A 222 6.34 11.44 -21.49
N ARG A 223 5.55 10.36 -21.59
CA ARG A 223 4.78 10.14 -22.82
C ARG A 223 3.48 9.44 -22.46
N SER A 224 2.51 9.54 -23.36
CA SER A 224 1.21 8.91 -23.17
C SER A 224 1.23 7.46 -23.66
N GLY A 225 0.34 6.64 -23.09
CA GLY A 225 0.36 5.21 -23.37
C GLY A 225 -0.41 4.84 -24.63
N ASP A 226 0.19 3.91 -25.40
CA ASP A 226 -0.49 3.31 -26.56
C ASP A 226 -1.17 2.02 -26.12
N PRO A 227 -2.48 1.87 -26.37
CA PRO A 227 -3.15 0.63 -25.94
C PRO A 227 -2.41 -0.64 -26.31
N GLU A 228 -2.07 -0.83 -27.58
CA GLU A 228 -1.50 -2.11 -28.00
C GLU A 228 -0.05 -2.25 -27.58
N GLN A 229 0.77 -1.20 -27.73
CA GLN A 229 2.19 -1.35 -27.49
CA GLN A 229 2.20 -1.31 -27.50
C GLN A 229 2.57 -1.18 -26.02
N ASP A 230 1.80 -0.42 -25.25
CA ASP A 230 2.15 -0.18 -23.84
C ASP A 230 1.32 -0.99 -22.86
N ILE A 231 0.01 -1.17 -23.08
CA ILE A 231 -0.79 -1.95 -22.15
C ILE A 231 -0.81 -3.42 -22.54
N GLY A 232 -0.93 -3.70 -23.84
CA GLY A 232 -0.96 -5.05 -24.37
C GLY A 232 0.04 -6.00 -23.76
N PRO A 233 1.33 -5.65 -23.75
CA PRO A 233 2.33 -6.60 -23.23
C PRO A 233 2.21 -6.85 -21.75
N ALA A 234 1.70 -5.90 -20.97
CA ALA A 234 1.46 -6.17 -19.55
C ALA A 234 0.33 -7.18 -19.38
N ALA A 235 -0.71 -7.05 -20.20
CA ALA A 235 -1.76 -8.06 -20.22
C ALA A 235 -1.23 -9.42 -20.66
N VAL A 236 -0.36 -9.44 -21.67
CA VAL A 236 0.23 -10.71 -22.11
C VAL A 236 1.00 -11.36 -20.97
N PHE A 237 1.80 -10.57 -20.24
CA PHE A 237 2.51 -11.10 -19.07
C PHE A 237 1.55 -11.81 -18.13
N PHE A 238 0.47 -11.14 -17.73
CA PHE A 238 -0.46 -11.70 -16.77
C PHE A 238 -1.37 -12.77 -17.36
N ALA A 239 -1.28 -13.03 -18.67
CA ALA A 239 -2.07 -14.07 -19.31
C ALA A 239 -1.26 -15.29 -19.70
N SER A 240 0.03 -15.32 -19.35
CA SER A 240 0.98 -16.31 -19.87
C SER A 240 1.64 -17.06 -18.73
N GLU A 241 2.53 -18.00 -19.11
CA GLU A 241 3.32 -18.71 -18.11
C GLU A 241 4.34 -17.82 -17.44
N MET A 242 4.63 -16.64 -18.02
CA MET A 242 5.63 -15.76 -17.40
C MET A 242 5.21 -15.33 -16.00
N SER A 243 3.90 -15.22 -15.75
CA SER A 243 3.37 -14.79 -14.47
C SER A 243 2.83 -15.96 -13.65
N ARG A 244 3.30 -17.18 -13.93
CA ARG A 244 2.76 -18.38 -13.28
C ARG A 244 2.96 -18.39 -11.78
N PHE A 245 3.86 -17.56 -11.23
CA PHE A 245 4.06 -17.48 -9.78
C PHE A 245 3.62 -16.14 -9.21
N VAL A 246 2.79 -15.39 -9.95
CA VAL A 246 2.29 -14.07 -9.54
C VAL A 246 0.76 -14.15 -9.46
N THR A 247 0.20 -13.85 -8.29
CA THR A 247 -1.25 -13.80 -8.18
C THR A 247 -1.65 -12.85 -7.08
N GLY A 248 -2.83 -12.23 -7.25
CA GLY A 248 -3.36 -11.29 -6.26
C GLY A 248 -2.71 -9.93 -6.29
N GLU A 249 -1.98 -9.60 -7.35
CA GLU A 249 -1.21 -8.36 -7.40
C GLU A 249 -1.96 -7.28 -8.17
N THR A 250 -1.59 -6.04 -7.88
CA THR A 250 -2.00 -4.86 -8.64
C THR A 250 -0.75 -4.29 -9.31
N LEU A 251 -0.85 -3.94 -10.59
CA LEU A 251 0.29 -3.38 -11.29
C LEU A 251 -0.15 -2.13 -12.04
N HIS A 252 0.56 -1.03 -11.82
CA HIS A 252 0.30 0.19 -12.58
C HIS A 252 1.05 0.14 -13.90
N VAL A 253 0.32 0.37 -14.99
CA VAL A 253 0.91 0.41 -16.34
C VAL A 253 0.57 1.77 -16.94
N ASP A 254 1.39 2.78 -16.59
CA ASP A 254 0.94 4.16 -16.68
C ASP A 254 2.08 5.13 -16.87
N GLY A 255 3.24 4.67 -17.34
CA GLY A 255 4.37 5.56 -17.49
C GLY A 255 4.94 6.05 -16.18
N GLY A 256 4.53 5.45 -15.07
CA GLY A 256 4.97 5.89 -13.76
C GLY A 256 4.05 6.88 -13.07
N LEU A 257 2.87 7.18 -13.64
CA LEU A 257 2.01 8.22 -13.09
C LEU A 257 1.68 7.99 -11.62
N HIS A 258 1.59 6.74 -11.17
CA HIS A 258 1.28 6.45 -9.78
C HIS A 258 2.27 7.09 -8.80
N LEU A 259 3.50 7.39 -9.24
CA LEU A 259 4.45 8.01 -8.32
C LEU A 259 4.07 9.44 -8.00
N PRO A 260 4.00 10.39 -8.95
CA PRO A 260 3.60 11.76 -8.58
C PRO A 260 2.10 11.90 -8.34
N GLY A 261 1.29 10.94 -8.76
CA GLY A 261 -0.13 11.19 -8.70
C GLY A 261 -0.54 12.26 -9.70
N TYR A 262 -1.69 12.87 -9.43
CA TYR A 262 -2.20 13.99 -10.22
CA TYR A 262 -2.16 14.01 -10.20
C TYR A 262 -3.29 14.67 -9.42
N ASN A 263 -3.33 15.99 -9.49
CA ASN A 263 -4.36 16.76 -8.79
C ASN A 263 -5.55 16.96 -9.75
N SER A 264 -6.70 16.39 -9.39
CA SER A 264 -7.88 16.40 -10.26
C SER A 264 -8.94 17.42 -9.81
N ARG A 265 -8.61 18.35 -8.92
CA ARG A 265 -9.60 19.34 -8.52
C ARG A 265 -10.00 20.18 -9.73
N PRO A 266 -11.30 20.27 -10.05
CA PRO A 266 -11.72 21.10 -11.19
C PRO A 266 -11.37 22.56 -10.99
N ALA A 267 -11.19 23.27 -12.11
CA ALA A 267 -10.66 24.64 -12.07
C ALA A 267 -11.58 25.58 -11.29
N GLY A 268 -12.89 25.39 -11.37
CA GLY A 268 -13.82 26.30 -10.75
C GLY A 268 -14.12 26.05 -9.29
N ILE A 269 -13.43 25.12 -8.63
CA ILE A 269 -13.70 24.74 -7.25
C ILE A 269 -12.62 25.36 -6.36
N LYS A 270 -13.06 26.18 -5.39
CA LYS A 270 -12.10 26.77 -4.45
CA LYS A 270 -12.12 26.78 -4.43
C LYS A 270 -11.57 25.70 -3.51
N PRO A 271 -10.25 25.58 -3.35
CA PRO A 271 -9.71 24.51 -2.49
C PRO A 271 -10.15 24.57 -1.04
N ARG A 272 -10.48 25.76 -0.50
CA ARG A 272 -10.84 25.90 0.89
C ARG A 272 -12.08 26.78 1.02
N GLU A 273 -13.18 26.21 1.52
CA GLU A 273 -14.42 26.95 1.73
CA GLU A 273 -14.43 26.94 1.72
C GLU A 273 -14.80 27.03 3.20
N TYR A 274 -13.81 26.97 4.08
CA TYR A 274 -14.08 27.06 5.52
C TYR A 274 -13.11 28.01 6.21
N MET B 9 11.96 -15.26 -31.59
CA MET B 9 12.85 -14.19 -31.17
C MET B 9 12.84 -14.07 -29.65
N GLY B 10 14.03 -14.12 -29.04
CA GLY B 10 14.11 -13.95 -27.61
C GLY B 10 13.74 -12.54 -27.18
N LEU B 11 13.18 -12.44 -25.97
CA LEU B 11 12.74 -11.14 -25.48
C LEU B 11 13.87 -10.19 -25.14
N LEU B 12 15.11 -10.68 -25.07
CA LEU B 12 16.25 -9.87 -24.66
C LEU B 12 17.36 -9.90 -25.70
N GLU B 13 17.06 -10.26 -26.95
CA GLU B 13 18.07 -10.30 -27.99
CA GLU B 13 18.11 -10.32 -27.95
C GLU B 13 18.73 -8.95 -28.16
N GLN B 14 20.03 -8.95 -28.42
CA GLN B 14 20.86 -7.75 -28.58
C GLN B 14 20.93 -6.91 -27.32
N ARG B 15 20.49 -7.43 -26.18
CA ARG B 15 20.64 -6.71 -24.91
C ARG B 15 21.70 -7.37 -24.04
N VAL B 16 22.26 -6.58 -23.12
CA VAL B 16 23.32 -7.02 -22.22
C VAL B 16 22.83 -6.80 -20.79
N ALA B 17 22.98 -7.83 -19.95
CA ALA B 17 22.51 -7.77 -18.56
C ALA B 17 23.65 -8.08 -17.60
N LEU B 18 23.68 -7.39 -16.48
CA LEU B 18 24.60 -7.70 -15.39
C LEU B 18 23.76 -8.11 -14.20
N VAL B 19 24.00 -9.31 -13.68
CA VAL B 19 23.26 -9.85 -12.55
C VAL B 19 24.24 -10.09 -11.40
N THR B 20 24.04 -9.38 -10.28
CA THR B 20 24.93 -9.60 -9.15
C THR B 20 24.49 -10.84 -8.37
N GLY B 21 25.47 -11.54 -7.82
CA GLY B 21 25.21 -12.77 -7.10
C GLY B 21 24.57 -13.86 -7.93
N ALA B 22 24.94 -13.96 -9.20
CA ALA B 22 24.30 -14.89 -10.12
C ALA B 22 24.92 -16.29 -10.11
N GLY B 23 25.83 -16.57 -9.16
CA GLY B 23 26.34 -17.93 -9.03
C GLY B 23 25.35 -18.92 -8.47
N GLY B 24 24.31 -18.47 -7.78
CA GLY B 24 23.38 -19.42 -7.18
C GLY B 24 22.01 -18.82 -6.94
N GLY B 25 21.08 -19.69 -6.55
CA GLY B 25 19.78 -19.22 -6.10
C GLY B 25 19.01 -18.50 -7.19
N ILE B 26 18.29 -17.45 -6.79
CA ILE B 26 17.49 -16.66 -7.72
C ILE B 26 18.37 -15.98 -8.77
N GLY B 27 19.53 -15.45 -8.35
CA GLY B 27 20.41 -14.83 -9.32
C GLY B 27 20.80 -15.79 -10.44
N ARG B 28 21.11 -17.04 -10.08
CA ARG B 28 21.42 -18.03 -11.11
C ARG B 28 20.20 -18.32 -11.99
N GLY B 29 19.02 -18.40 -11.38
CA GLY B 29 17.83 -18.64 -12.18
C GLY B 29 17.52 -17.51 -13.13
N VAL B 30 17.68 -16.27 -12.67
CA VAL B 30 17.48 -15.12 -13.53
C VAL B 30 18.53 -15.07 -14.64
N ALA B 31 19.79 -15.34 -14.31
CA ALA B 31 20.84 -15.34 -15.34
C ALA B 31 20.56 -16.38 -16.42
N ARG B 32 20.18 -17.59 -16.02
CA ARG B 32 19.89 -18.63 -17.01
C ARG B 32 18.67 -18.25 -17.84
N SER B 33 17.64 -17.70 -17.19
CA SER B 33 16.46 -17.23 -17.95
CA SER B 33 16.47 -17.24 -17.93
C SER B 33 16.84 -16.17 -18.95
N PHE B 34 17.67 -15.21 -18.54
CA PHE B 34 18.12 -14.14 -19.44
C PHE B 34 18.89 -14.70 -20.62
N GLY B 35 19.78 -15.66 -20.37
CA GLY B 35 20.53 -16.26 -21.46
C GLY B 35 19.63 -16.93 -22.47
N ASN B 36 18.57 -17.59 -22.01
CA ASN B 36 17.66 -18.26 -22.92
C ASN B 36 16.81 -17.30 -23.72
N GLU B 37 16.72 -16.03 -23.30
CA GLU B 37 16.02 -15.00 -24.05
C GLU B 37 16.95 -14.16 -24.90
N GLY B 38 18.22 -14.55 -25.02
CA GLY B 38 19.13 -13.90 -25.95
C GLY B 38 20.05 -12.85 -25.37
N ALA B 39 19.95 -12.55 -24.08
CA ALA B 39 20.82 -11.54 -23.48
C ALA B 39 22.23 -12.09 -23.30
N ALA B 40 23.22 -11.20 -23.44
CA ALA B 40 24.56 -11.46 -22.94
C ALA B 40 24.56 -11.18 -21.44
N VAL B 41 24.95 -12.16 -20.64
CA VAL B 41 24.79 -12.08 -19.18
C VAL B 41 26.15 -12.02 -18.51
N ILE B 42 26.40 -10.92 -17.81
CA ILE B 42 27.58 -10.81 -16.95
C ILE B 42 27.21 -11.36 -15.57
N ILE B 43 27.93 -12.40 -15.16
CA ILE B 43 27.74 -13.06 -13.88
CA ILE B 43 27.72 -13.04 -13.87
C ILE B 43 28.66 -12.35 -12.89
N ALA B 44 28.13 -11.35 -12.17
CA ALA B 44 28.92 -10.52 -11.25
C ALA B 44 28.83 -11.12 -9.86
N GLU B 45 29.76 -12.03 -9.55
CA GLU B 45 29.62 -12.98 -8.46
C GLU B 45 30.95 -13.09 -7.72
N ILE B 46 30.88 -13.22 -6.40
CA ILE B 46 32.09 -13.28 -5.61
C ILE B 46 32.67 -14.70 -5.55
N ASN B 47 31.81 -15.72 -5.66
CA ASN B 47 32.24 -17.11 -5.64
C ASN B 47 32.69 -17.49 -7.04
N GLU B 48 34.00 -17.67 -7.21
CA GLU B 48 34.54 -17.98 -8.54
C GLU B 48 34.03 -19.33 -9.04
N SER B 49 33.89 -20.30 -8.15
CA SER B 49 33.49 -21.64 -8.56
C SER B 49 32.05 -21.65 -9.08
N THR B 50 31.12 -21.05 -8.35
CA THR B 50 29.74 -21.07 -8.82
C THR B 50 29.52 -20.06 -9.93
N GLY B 51 30.23 -18.92 -9.90
CA GLY B 51 30.15 -17.98 -10.99
C GLY B 51 30.57 -18.57 -12.32
N ARG B 52 31.68 -19.31 -12.33
CA ARG B 52 32.12 -19.94 -13.57
C ARG B 52 31.20 -21.08 -13.98
N GLN B 53 30.63 -21.79 -13.01
CA GLN B 53 29.66 -22.84 -13.32
C GLN B 53 28.47 -22.26 -14.08
N VAL B 54 27.92 -21.15 -13.61
CA VAL B 54 26.75 -20.56 -14.28
C VAL B 54 27.14 -20.00 -15.64
N GLU B 55 28.35 -19.42 -15.75
CA GLU B 55 28.84 -18.98 -17.06
C GLU B 55 28.84 -20.13 -18.06
N GLN B 56 29.36 -21.28 -17.64
CA GLN B 56 29.46 -22.41 -18.56
C GLN B 56 28.09 -22.98 -18.89
N GLU B 57 27.15 -22.96 -17.94
CA GLU B 57 25.82 -23.47 -18.21
C GLU B 57 25.12 -22.64 -19.27
N ILE B 58 25.23 -21.32 -19.17
CA ILE B 58 24.61 -20.46 -20.18
C ILE B 58 25.23 -20.70 -21.55
N ARG B 59 26.56 -20.83 -21.60
CA ARG B 59 27.22 -21.10 -22.87
C ARG B 59 26.83 -22.45 -23.45
N GLU B 60 26.73 -23.47 -22.59
CA GLU B 60 26.33 -24.80 -23.07
C GLU B 60 24.90 -24.79 -23.61
N MET B 61 24.04 -23.92 -23.09
CA MET B 61 22.66 -23.81 -23.54
C MET B 61 22.51 -22.91 -24.76
N GLY B 62 23.61 -22.46 -25.36
CA GLY B 62 23.56 -21.64 -26.54
C GLY B 62 23.61 -20.15 -26.32
N GLY B 63 23.82 -19.69 -25.09
CA GLY B 63 23.77 -18.29 -24.76
C GLY B 63 25.16 -17.64 -24.69
N ARG B 64 25.14 -16.34 -24.36
CA ARG B 64 26.33 -15.52 -24.22
CA ARG B 64 26.35 -15.55 -24.21
C ARG B 64 26.49 -15.16 -22.74
N SER B 65 27.70 -15.31 -22.21
CA SER B 65 27.91 -15.12 -20.77
CA SER B 65 27.89 -15.04 -20.79
C SER B 65 29.36 -14.77 -20.51
N LEU B 66 29.59 -14.08 -19.39
CA LEU B 66 30.94 -13.77 -18.91
C LEU B 66 30.90 -13.68 -17.38
N PHE B 67 31.66 -14.54 -16.72
CA PHE B 67 31.84 -14.39 -15.28
C PHE B 67 32.88 -13.31 -15.01
N VAL B 68 32.52 -12.34 -14.17
CA VAL B 68 33.45 -11.33 -13.69
C VAL B 68 33.44 -11.40 -12.17
N LYS B 69 34.59 -11.76 -11.58
CA LYS B 69 34.70 -11.76 -10.13
C LYS B 69 34.35 -10.38 -9.59
N THR B 70 33.31 -10.31 -8.75
CA THR B 70 32.78 -9.04 -8.30
C THR B 70 32.41 -9.18 -6.82
N ASP B 71 32.83 -8.20 -6.03
CA ASP B 71 32.43 -8.10 -4.62
C ASP B 71 31.60 -6.83 -4.50
N VAL B 72 30.30 -6.99 -4.28
CA VAL B 72 29.40 -5.83 -4.28
C VAL B 72 29.55 -4.96 -3.04
N THR B 73 30.39 -5.33 -2.08
CA THR B 73 30.72 -4.41 -1.00
C THR B 73 31.79 -3.41 -1.40
N SER B 74 32.29 -3.49 -2.63
CA SER B 74 33.34 -2.60 -3.11
C SER B 74 32.83 -1.84 -4.32
N LYS B 75 32.78 -0.51 -4.20
CA LYS B 75 32.34 0.32 -5.32
C LYS B 75 33.23 0.12 -6.55
N ALA B 76 34.56 0.02 -6.33
CA ALA B 76 35.46 -0.14 -7.45
C ALA B 76 35.23 -1.47 -8.16
N SER B 77 34.95 -2.53 -7.40
CA SER B 77 34.66 -3.83 -8.01
C SER B 77 33.40 -3.77 -8.86
N ILE B 78 32.36 -3.07 -8.36
CA ILE B 78 31.13 -2.90 -9.12
C ILE B 78 31.39 -2.11 -10.40
N GLU B 79 32.15 -1.00 -10.28
CA GLU B 79 32.43 -0.19 -11.46
C GLU B 79 33.20 -0.97 -12.51
N ALA B 80 34.12 -1.84 -12.07
CA ALA B 80 34.90 -2.62 -13.03
C ALA B 80 34.04 -3.62 -13.78
N ALA B 81 33.07 -4.24 -13.08
CA ALA B 81 32.19 -5.18 -13.75
C ALA B 81 31.30 -4.47 -14.78
N VAL B 82 30.84 -3.26 -14.45
CA VAL B 82 30.05 -2.48 -15.41
C VAL B 82 30.90 -2.15 -16.63
N ARG B 83 32.16 -1.72 -16.42
CA ARG B 83 33.03 -1.43 -17.54
C ARG B 83 33.26 -2.67 -18.39
N SER B 84 33.38 -3.84 -17.74
CA SER B 84 33.61 -5.07 -18.50
C SER B 84 32.42 -5.42 -19.37
N ALA B 85 31.20 -5.21 -18.86
CA ALA B 85 30.00 -5.45 -19.65
C ALA B 85 29.99 -4.59 -20.92
N VAL B 86 30.22 -3.28 -20.76
CA VAL B 86 30.19 -2.39 -21.91
C VAL B 86 31.31 -2.72 -22.89
N GLU B 87 32.52 -3.00 -22.38
CA GLU B 87 33.65 -3.25 -23.27
C GLU B 87 33.49 -4.57 -24.01
N GLN B 88 33.01 -5.61 -23.33
CA GLN B 88 33.03 -6.94 -23.92
C GLN B 88 31.79 -7.24 -24.75
N PHE B 89 30.66 -6.58 -24.46
CA PHE B 89 29.46 -6.83 -25.23
C PHE B 89 28.82 -5.58 -25.84
N GLY B 90 29.33 -4.39 -25.55
CA GLY B 90 28.94 -3.20 -26.29
C GLY B 90 27.97 -2.27 -25.57
N SER B 91 27.42 -2.69 -24.44
CA SER B 91 26.39 -1.94 -23.74
C SER B 91 26.20 -2.58 -22.36
N LEU B 92 25.36 -1.93 -21.54
CA LEU B 92 24.83 -2.56 -20.33
C LEU B 92 23.38 -2.08 -20.19
N ASP B 93 22.47 -2.86 -20.77
CA ASP B 93 21.07 -2.44 -20.90
C ASP B 93 20.24 -2.75 -19.68
N ILE B 94 20.64 -3.77 -18.92
CA ILE B 94 19.81 -4.37 -17.87
C ILE B 94 20.70 -4.60 -16.66
N LEU B 95 20.25 -4.14 -15.49
CA LEU B 95 20.96 -4.37 -14.23
C LEU B 95 20.03 -5.06 -13.26
N VAL B 96 20.49 -6.16 -12.66
CA VAL B 96 19.71 -6.91 -11.67
C VAL B 96 20.53 -6.97 -10.39
N ASN B 97 20.03 -6.35 -9.32
CA ASN B 97 20.77 -6.21 -8.08
C ASN B 97 20.23 -7.28 -7.12
N ASN B 98 20.88 -8.44 -7.12
CA ASN B 98 20.35 -9.63 -6.48
C ASN B 98 21.17 -10.14 -5.30
N ALA B 99 22.47 -9.82 -5.24
CA ALA B 99 23.36 -10.41 -4.25
C ALA B 99 22.87 -10.21 -2.83
N PHE B 100 23.20 -11.17 -1.97
CA PHE B 100 22.69 -11.23 -0.61
C PHE B 100 23.73 -11.90 0.28
N VAL B 101 23.94 -11.32 1.47
CA VAL B 101 24.77 -11.91 2.51
C VAL B 101 23.96 -11.94 3.81
N PRO B 102 23.76 -13.09 4.42
CA PRO B 102 22.97 -13.15 5.65
C PRO B 102 23.73 -12.67 6.89
N THR B 103 22.96 -12.18 7.86
CA THR B 103 23.40 -11.97 9.23
C THR B 103 22.67 -12.93 10.17
N PRO B 104 23.16 -13.14 11.39
CA PRO B 104 22.51 -14.11 12.28
C PRO B 104 21.04 -13.77 12.52
N ASN B 105 20.22 -14.82 12.57
CA ASN B 105 18.79 -14.68 12.85
C ASN B 105 18.61 -14.54 14.35
N VAL B 106 18.62 -13.30 14.82
CA VAL B 106 18.52 -13.00 16.25
C VAL B 106 17.47 -11.91 16.45
N LEU B 107 16.97 -11.83 17.69
CA LEU B 107 15.97 -10.81 18.01
C LEU B 107 16.51 -9.41 17.77
N LEU B 108 15.59 -8.48 17.49
CA LEU B 108 15.99 -7.12 17.11
C LEU B 108 16.92 -6.49 18.13
N GLU B 109 16.62 -6.65 19.41
CA GLU B 109 17.47 -6.07 20.45
C GLU B 109 18.81 -6.79 20.59
N GLU B 110 18.96 -7.96 19.96
CA GLU B 110 20.22 -8.69 19.95
C GLU B 110 21.04 -8.48 18.69
N LYS B 111 20.45 -7.92 17.64
CA LYS B 111 21.25 -7.53 16.48
C LYS B 111 22.34 -6.55 16.92
N THR B 112 23.49 -6.61 16.26
CA THR B 112 24.54 -5.64 16.53
C THR B 112 24.53 -4.54 15.48
N ASP B 113 25.11 -3.39 15.84
CA ASP B 113 25.31 -2.33 14.85
C ASP B 113 26.10 -2.84 13.66
N GLU B 114 27.09 -3.70 13.91
CA GLU B 114 27.90 -4.26 12.85
C GLU B 114 27.05 -5.05 11.85
N MET B 115 26.02 -5.74 12.35
CA MET B 115 25.13 -6.46 11.43
C MET B 115 24.35 -5.51 10.53
N LEU B 116 23.83 -4.42 11.10
CA LEU B 116 23.10 -3.46 10.27
C LEU B 116 24.03 -2.82 9.25
N GLU B 117 25.24 -2.45 9.67
CA GLU B 117 26.22 -1.90 8.74
C GLU B 117 26.50 -2.88 7.60
N GLN B 118 26.69 -4.16 7.94
CA GLN B 118 26.99 -5.15 6.92
C GLN B 118 25.83 -5.31 5.93
N THR B 119 24.60 -5.37 6.44
CA THR B 119 23.45 -5.54 5.56
CA THR B 119 23.46 -5.54 5.54
C THR B 119 23.19 -4.29 4.74
N LEU B 120 23.38 -3.10 5.34
CA LEU B 120 23.24 -1.89 4.54
C LEU B 120 24.24 -1.87 3.40
N THR B 121 25.46 -2.37 3.64
CA THR B 121 26.48 -2.40 2.59
C THR B 121 26.12 -3.38 1.49
N THR B 122 25.79 -4.62 1.84
CA THR B 122 25.61 -5.67 0.82
C THR B 122 24.30 -5.52 0.07
N SER B 123 23.27 -4.95 0.70
CA SER B 123 22.00 -4.74 0.02
C SER B 123 21.88 -3.34 -0.56
N LEU B 124 21.96 -2.32 0.30
CA LEU B 124 21.59 -0.97 -0.12
C LEU B 124 22.73 -0.28 -0.87
N TRP B 125 23.92 -0.23 -0.25
CA TRP B 125 25.04 0.42 -0.93
C TRP B 125 25.39 -0.28 -2.24
N ALA B 126 25.39 -1.61 -2.24
CA ALA B 126 25.66 -2.34 -3.49
C ALA B 126 24.68 -1.91 -4.59
N THR B 127 23.41 -1.74 -4.24
CA THR B 127 22.43 -1.34 -5.24
C THR B 127 22.65 0.09 -5.70
N TRP B 128 22.88 0.99 -4.75
CA TRP B 128 23.18 2.40 -5.04
C TRP B 128 24.38 2.52 -5.98
N TRP B 129 25.48 1.85 -5.64
CA TRP B 129 26.68 1.93 -6.47
C TRP B 129 26.43 1.36 -7.87
N ALA B 130 25.77 0.21 -7.95
CA ALA B 130 25.58 -0.41 -9.26
C ALA B 130 24.62 0.40 -10.12
N MET B 131 23.54 0.92 -9.52
CA MET B 131 22.61 1.76 -10.27
C MET B 131 23.31 2.98 -10.86
N ARG B 132 24.13 3.66 -10.05
CA ARG B 132 24.75 4.89 -10.54
C ARG B 132 25.85 4.61 -11.56
N ALA B 133 26.51 3.45 -11.47
CA ALA B 133 27.49 3.08 -12.49
C ALA B 133 26.82 2.68 -13.81
N ALA B 134 25.75 1.87 -13.74
CA ALA B 134 25.05 1.43 -14.93
C ALA B 134 24.29 2.57 -15.61
N PHE B 135 23.90 3.58 -14.82
CA PHE B 135 23.21 4.76 -15.35
C PHE B 135 23.97 5.38 -16.53
N VAL B 136 25.30 5.36 -16.48
CA VAL B 136 26.08 6.10 -17.47
C VAL B 136 25.85 5.49 -18.87
N PRO B 137 26.11 4.20 -19.10
CA PRO B 137 25.82 3.66 -20.45
C PRO B 137 24.34 3.63 -20.79
N MET B 138 23.45 3.40 -19.80
CA MET B 138 22.02 3.41 -20.08
C MET B 138 21.53 4.77 -20.57
N ARG B 139 21.98 5.84 -19.89
CA ARG B 139 21.60 7.19 -20.31
CA ARG B 139 21.59 7.18 -20.31
C ARG B 139 22.10 7.48 -21.71
N GLU B 140 23.35 7.11 -22.00
CA GLU B 140 23.93 7.38 -23.32
C GLU B 140 23.08 6.77 -24.43
N ARG B 141 22.53 5.58 -24.19
CA ARG B 141 21.75 4.85 -25.17
C ARG B 141 20.26 5.10 -25.08
N ARG B 142 19.83 5.90 -24.10
CA ARG B 142 18.41 6.19 -23.85
C ARG B 142 17.59 4.90 -23.74
N TRP B 143 18.12 3.92 -23.01
CA TRP B 143 17.38 2.66 -22.80
C TRP B 143 17.98 1.95 -21.60
N GLY B 144 17.15 1.66 -20.61
CA GLY B 144 17.65 0.97 -19.43
C GLY B 144 16.56 0.27 -18.68
N ARG B 145 16.92 -0.83 -18.03
CA ARG B 145 16.03 -1.59 -17.16
C ARG B 145 16.80 -1.93 -15.89
N ILE B 146 16.32 -1.46 -14.74
CA ILE B 146 16.93 -1.79 -13.46
C ILE B 146 15.91 -2.60 -12.66
N VAL B 147 16.32 -3.77 -12.22
CA VAL B 147 15.46 -4.68 -11.44
C VAL B 147 16.11 -4.85 -10.08
N ASN B 148 15.48 -4.30 -9.05
CA ASN B 148 15.97 -4.44 -7.69
C ASN B 148 15.15 -5.50 -6.97
N PHE B 149 15.73 -6.09 -5.93
CA PHE B 149 15.07 -7.13 -5.17
CA PHE B 149 15.07 -7.13 -5.17
C PHE B 149 14.88 -6.66 -3.74
N TYR B 150 13.64 -6.73 -3.27
CA TYR B 150 13.38 -6.47 -1.86
C TYR B 150 12.73 -7.72 -1.31
N SER B 151 11.87 -7.62 -0.30
CA SER B 151 11.39 -8.83 0.31
C SER B 151 10.06 -8.58 0.99
N ILE B 152 9.22 -9.62 1.00
CA ILE B 152 7.98 -9.58 1.77
C ILE B 152 8.27 -9.34 3.25
N ASP B 153 9.47 -9.70 3.72
CA ASP B 153 9.81 -9.46 5.12
C ASP B 153 9.77 -7.98 5.46
N THR B 154 10.01 -7.10 4.48
CA THR B 154 9.93 -5.66 4.74
C THR B 154 8.52 -5.23 5.05
N GLU B 155 7.53 -5.97 4.57
CA GLU B 155 6.13 -5.61 4.74
C GLU B 155 5.52 -6.30 5.94
N THR B 156 5.97 -7.51 6.29
CA THR B 156 5.51 -8.17 7.51
C THR B 156 6.32 -7.82 8.75
N GLY B 157 7.44 -7.12 8.59
CA GLY B 157 8.36 -6.96 9.71
C GLY B 157 8.83 -8.28 10.29
N ALA B 158 9.24 -9.21 9.42
CA ALA B 158 9.50 -10.58 9.83
C ALA B 158 10.50 -10.65 10.99
N TRP B 159 10.20 -11.51 11.96
CA TRP B 159 11.07 -11.70 13.12
C TRP B 159 12.48 -12.10 12.70
N LEU B 160 13.46 -11.65 13.49
CA LEU B 160 14.88 -12.03 13.43
C LEU B 160 15.59 -11.41 12.24
N HIS B 161 14.90 -10.61 11.41
CA HIS B 161 15.47 -10.05 10.19
C HIS B 161 15.49 -8.52 10.20
N GLY B 162 15.51 -7.91 11.38
CA GLY B 162 15.30 -6.47 11.50
C GLY B 162 16.25 -5.64 10.64
N ASP B 163 17.53 -6.03 10.58
CA ASP B 163 18.48 -5.29 9.76
C ASP B 163 18.20 -5.47 8.27
N TYR B 164 17.91 -6.69 7.85
CA TYR B 164 17.54 -6.97 6.48
C TYR B 164 16.26 -6.23 6.08
N ASN B 165 15.26 -6.22 6.97
CA ASN B 165 14.00 -5.54 6.66
C ASN B 165 14.21 -4.05 6.45
N THR B 166 15.10 -3.45 7.24
CA THR B 166 15.40 -2.03 7.14
C THR B 166 16.12 -1.72 5.83
N ALA B 167 17.17 -2.48 5.51
CA ALA B 167 17.90 -2.25 4.28
C ALA B 167 17.02 -2.47 3.05
N LYS B 168 16.23 -3.55 3.04
CA LYS B 168 15.42 -3.83 1.85
C LYS B 168 14.28 -2.83 1.68
N ALA B 169 13.76 -2.27 2.78
CA ALA B 169 12.81 -1.18 2.66
C ALA B 169 13.46 0.05 2.05
N GLY B 170 14.72 0.33 2.42
CA GLY B 170 15.46 1.40 1.76
C GLY B 170 15.55 1.21 0.26
N ILE B 171 15.73 -0.03 -0.19
CA ILE B 171 15.79 -0.35 -1.61
CA ILE B 171 15.81 -0.32 -1.62
C ILE B 171 14.53 0.12 -2.32
N VAL B 172 13.38 -0.04 -1.66
CA VAL B 172 12.15 0.40 -2.29
C VAL B 172 12.15 1.92 -2.47
N GLY B 173 12.62 2.65 -1.47
CA GLY B 173 12.68 4.10 -1.61
C GLY B 173 13.63 4.53 -2.71
N LEU B 174 14.76 3.85 -2.82
CA LEU B 174 15.72 4.15 -3.88
C LEU B 174 15.15 3.80 -5.24
N THR B 175 14.43 2.68 -5.32
CA THR B 175 13.79 2.27 -6.57
C THR B 175 12.82 3.33 -7.07
N ARG B 176 11.94 3.81 -6.19
CA ARG B 176 10.96 4.82 -6.58
C ARG B 176 11.64 6.13 -6.97
N SER B 177 12.74 6.48 -6.30
CA SER B 177 13.43 7.73 -6.60
C SER B 177 14.03 7.69 -8.00
N ALA B 178 14.72 6.61 -8.33
CA ALA B 178 15.34 6.51 -9.64
C ALA B 178 14.28 6.38 -10.73
N ALA B 179 13.18 5.69 -10.45
CA ALA B 179 12.10 5.63 -11.44
C ALA B 179 11.59 7.02 -11.76
N SER B 180 11.37 7.83 -10.70
CA SER B 180 10.83 9.17 -10.89
CA SER B 180 10.83 9.17 -10.89
C SER B 180 11.74 10.02 -11.76
N GLU B 181 13.06 9.98 -11.49
CA GLU B 181 13.98 10.89 -12.16
C GLU B 181 14.50 10.37 -13.49
N TRP B 182 14.70 9.06 -13.62
CA TRP B 182 15.44 8.54 -14.77
C TRP B 182 14.54 8.10 -15.91
N GLY B 183 13.21 8.14 -15.72
CA GLY B 183 12.31 7.89 -16.83
C GLY B 183 12.50 8.82 -18.01
N ARG B 184 13.01 10.04 -17.76
CA ARG B 184 13.21 10.97 -18.86
C ARG B 184 14.22 10.44 -19.87
N PHE B 185 15.05 9.47 -19.48
CA PHE B 185 16.00 8.85 -20.39
C PHE B 185 15.55 7.48 -20.86
N ASN B 186 14.29 7.11 -20.59
CA ASN B 186 13.78 5.77 -20.92
C ASN B 186 14.52 4.69 -20.14
N ILE B 187 14.89 5.00 -18.90
CA ILE B 187 15.36 4.03 -17.93
C ILE B 187 14.23 3.76 -16.95
N THR B 188 13.75 2.52 -16.90
CA THR B 188 12.77 2.13 -15.89
C THR B 188 13.44 1.41 -14.73
N VAL B 189 12.82 1.50 -13.56
CA VAL B 189 13.38 0.97 -12.32
C VAL B 189 12.23 0.37 -11.53
N ASN B 190 12.30 -0.93 -11.25
CA ASN B 190 11.23 -1.65 -10.56
C ASN B 190 11.86 -2.61 -9.55
N ALA B 191 11.05 -3.08 -8.59
CA ALA B 191 11.56 -3.96 -7.56
C ALA B 191 10.66 -5.19 -7.45
N ILE B 192 11.28 -6.36 -7.35
CA ILE B 192 10.55 -7.62 -7.18
C ILE B 192 10.78 -8.11 -5.75
N ALA B 193 9.72 -8.62 -5.13
CA ALA B 193 9.81 -9.33 -3.86
C ALA B 193 9.58 -10.80 -4.17
N PRO B 194 10.63 -11.59 -4.36
CA PRO B 194 10.46 -12.98 -4.76
C PRO B 194 10.51 -13.93 -3.58
N THR B 195 9.97 -15.14 -3.75
CA THR B 195 10.33 -16.25 -2.89
C THR B 195 10.65 -17.42 -3.80
N ALA B 196 11.70 -18.16 -3.47
CA ALA B 196 12.08 -19.31 -4.28
C ALA B 196 13.01 -20.19 -3.47
N MET B 197 13.29 -21.37 -4.02
CA MET B 197 14.17 -22.33 -3.37
C MET B 197 15.62 -21.93 -3.69
N GLY B 198 16.10 -20.93 -2.94
CA GLY B 198 17.49 -20.53 -2.95
C GLY B 198 18.25 -21.14 -1.78
N ALA B 199 19.40 -20.53 -1.45
CA ALA B 199 20.26 -21.09 -0.41
C ALA B 199 19.55 -21.12 0.94
N THR B 200 18.86 -20.04 1.29
CA THR B 200 18.16 -19.98 2.57
C THR B 200 17.07 -21.05 2.66
N PHE B 201 16.30 -21.23 1.57
CA PHE B 201 15.27 -22.27 1.54
C PHE B 201 15.86 -23.64 1.88
N PHE B 202 16.95 -24.02 1.22
CA PHE B 202 17.50 -25.35 1.43
C PHE B 202 18.10 -25.51 2.82
N GLU B 203 18.56 -24.41 3.43
CA GLU B 203 19.01 -24.46 4.81
C GLU B 203 17.83 -24.73 5.76
N LEU B 204 16.72 -24.02 5.54
CA LEU B 204 15.53 -24.25 6.37
C LEU B 204 14.96 -25.63 6.13
N ALA B 205 14.92 -26.09 4.87
CA ALA B 205 14.38 -27.40 4.56
C ALA B 205 15.21 -28.51 5.20
N ALA B 206 16.53 -28.32 5.25
CA ALA B 206 17.40 -29.34 5.83
C ALA B 206 17.23 -29.44 7.34
N LYS B 207 16.93 -28.31 8.01
CA LYS B 207 16.82 -28.32 9.46
C LYS B 207 15.45 -28.76 9.96
N ASN B 208 14.42 -28.68 9.12
CA ASN B 208 13.06 -29.05 9.49
C ASN B 208 12.43 -29.87 8.36
N PRO B 209 12.10 -31.14 8.60
CA PRO B 209 11.58 -31.98 7.51
C PRO B 209 10.22 -31.54 6.99
N GLU B 210 9.43 -30.82 7.79
CA GLU B 210 8.11 -30.36 7.36
C GLU B 210 8.12 -28.95 6.80
N PHE B 211 9.29 -28.29 6.76
CA PHE B 211 9.34 -26.88 6.36
C PHE B 211 8.86 -26.68 4.92
N ALA B 212 9.39 -27.50 3.99
CA ALA B 212 9.07 -27.27 2.58
C ALA B 212 7.59 -27.41 2.30
N GLU B 213 6.99 -28.49 2.83
CA GLU B 213 5.56 -28.73 2.63
C GLU B 213 4.73 -27.61 3.24
N ARG B 214 5.06 -27.18 4.46
CA ARG B 214 4.35 -26.08 5.09
C ARG B 214 4.56 -24.77 4.34
N SER B 215 5.78 -24.54 3.84
CA SER B 215 6.04 -23.31 3.10
C SER B 215 5.24 -23.28 1.81
N ALA B 216 5.14 -24.42 1.11
CA ALA B 216 4.36 -24.48 -0.11
C ALA B 216 2.88 -24.26 0.18
N ALA B 217 2.37 -24.89 1.24
CA ALA B 217 0.96 -24.79 1.62
C ALA B 217 0.59 -23.43 2.18
N ALA B 218 1.57 -22.58 2.50
CA ALA B 218 1.28 -21.29 3.10
C ALA B 218 0.75 -20.27 2.11
N ARG B 219 0.71 -20.58 0.81
CA ARG B 219 0.42 -19.58 -0.19
C ARG B 219 -0.66 -20.06 -1.15
N PRO B 220 -1.37 -19.10 -1.79
CA PRO B 220 -2.48 -19.47 -2.70
C PRO B 220 -2.13 -20.47 -3.78
N LEU B 221 -0.93 -20.41 -4.37
CA LEU B 221 -0.64 -21.36 -5.44
C LEU B 221 -0.12 -22.70 -4.92
N GLY B 222 0.13 -22.82 -3.62
CA GLY B 222 0.33 -24.13 -3.03
C GLY B 222 1.62 -24.84 -3.42
N ARG B 223 2.63 -24.10 -3.86
CA ARG B 223 3.90 -24.69 -4.27
CA ARG B 223 3.91 -24.71 -4.20
C ARG B 223 5.02 -23.69 -4.00
N SER B 224 6.23 -24.21 -3.82
CA SER B 224 7.40 -23.38 -3.64
C SER B 224 7.94 -22.93 -4.99
N GLY B 225 8.68 -21.83 -4.98
CA GLY B 225 9.12 -21.22 -6.23
C GLY B 225 10.42 -21.81 -6.76
N ASP B 226 10.44 -22.05 -8.07
CA ASP B 226 11.68 -22.42 -8.74
C ASP B 226 12.38 -21.16 -9.24
N PRO B 227 13.66 -20.97 -8.95
CA PRO B 227 14.31 -19.72 -9.37
C PRO B 227 14.18 -19.46 -10.87
N GLU B 228 14.51 -20.44 -11.71
CA GLU B 228 14.53 -20.20 -13.15
C GLU B 228 13.12 -20.15 -13.73
N GLN B 229 12.24 -21.09 -13.37
CA GLN B 229 10.95 -21.15 -14.04
C GLN B 229 9.94 -20.17 -13.44
N ASP B 230 10.07 -19.81 -12.16
CA ASP B 230 9.08 -18.95 -11.51
C ASP B 230 9.55 -17.50 -11.35
N ILE B 231 10.80 -17.27 -10.95
CA ILE B 231 11.28 -15.90 -10.78
C ILE B 231 11.85 -15.34 -12.07
N GLY B 232 12.59 -16.16 -12.80
CA GLY B 232 13.21 -15.78 -14.05
C GLY B 232 12.31 -14.99 -14.99
N PRO B 233 11.13 -15.52 -15.30
CA PRO B 233 10.26 -14.82 -16.27
C PRO B 233 9.74 -13.47 -15.77
N ALA B 234 9.55 -13.29 -14.46
CA ALA B 234 9.19 -11.97 -13.96
C ALA B 234 10.32 -10.98 -14.15
N ALA B 235 11.57 -11.41 -13.95
CA ALA B 235 12.71 -10.55 -14.22
C ALA B 235 12.81 -10.23 -15.71
N VAL B 236 12.54 -11.22 -16.57
CA VAL B 236 12.55 -10.97 -18.02
C VAL B 236 11.53 -9.90 -18.37
N PHE B 237 10.31 -10.00 -17.83
CA PHE B 237 9.31 -8.96 -18.04
C PHE B 237 9.88 -7.59 -17.74
N PHE B 238 10.46 -7.43 -16.56
CA PHE B 238 10.98 -6.13 -16.12
C PHE B 238 12.29 -5.76 -16.78
N ALA B 239 12.84 -6.64 -17.63
CA ALA B 239 14.10 -6.38 -18.33
C ALA B 239 13.87 -6.17 -19.81
N SER B 240 12.62 -6.14 -20.27
CA SER B 240 12.27 -6.25 -21.68
C SER B 240 11.38 -5.08 -22.11
N GLU B 241 11.06 -5.06 -23.41
CA GLU B 241 10.12 -4.07 -23.94
C GLU B 241 8.71 -4.29 -23.41
N MET B 242 8.41 -5.48 -22.86
CA MET B 242 7.06 -5.74 -22.39
C MET B 242 6.66 -4.78 -21.27
N SER B 243 7.63 -4.34 -20.48
CA SER B 243 7.40 -3.45 -19.35
C SER B 243 7.76 -2.00 -19.67
N ARG B 244 7.76 -1.63 -20.96
CA ARG B 244 8.22 -0.32 -21.38
C ARG B 244 7.40 0.83 -20.79
N PHE B 245 6.20 0.56 -20.28
CA PHE B 245 5.36 1.61 -19.69
C PHE B 245 5.14 1.40 -18.19
N VAL B 246 6.00 0.61 -17.56
CA VAL B 246 5.90 0.27 -16.13
C VAL B 246 7.18 0.72 -15.44
N THR B 247 7.05 1.59 -14.44
CA THR B 247 8.25 2.00 -13.69
C THR B 247 7.86 2.40 -12.28
N GLY B 248 8.79 2.21 -11.35
CA GLY B 248 8.55 2.56 -9.95
C GLY B 248 7.65 1.60 -9.21
N GLU B 249 7.43 0.41 -9.75
CA GLU B 249 6.49 -0.55 -9.17
C GLU B 249 7.21 -1.59 -8.32
N THR B 250 6.43 -2.19 -7.43
CA THR B 250 6.85 -3.35 -6.64
C THR B 250 5.94 -4.50 -7.03
N LEU B 251 6.53 -5.67 -7.27
CA LEU B 251 5.75 -6.83 -7.67
C LEU B 251 6.15 -8.04 -6.84
N HIS B 252 5.17 -8.70 -6.22
CA HIS B 252 5.44 -9.93 -5.48
C HIS B 252 5.42 -11.11 -6.44
N VAL B 253 6.50 -11.90 -6.41
CA VAL B 253 6.62 -13.11 -7.22
C VAL B 253 6.86 -14.26 -6.27
N ASP B 254 5.77 -14.77 -5.70
CA ASP B 254 5.86 -15.52 -4.46
C ASP B 254 4.71 -16.53 -4.33
N GLY B 255 4.05 -16.87 -5.43
CA GLY B 255 2.94 -17.81 -5.33
C GLY B 255 1.75 -17.23 -4.61
N GLY B 256 1.70 -15.91 -4.44
CA GLY B 256 0.62 -15.27 -3.71
C GLY B 256 0.83 -15.11 -2.22
N LEU B 257 2.04 -15.42 -1.72
CA LEU B 257 2.25 -15.40 -0.27
C LEU B 257 1.90 -14.05 0.35
N HIS B 258 2.12 -12.95 -0.38
CA HIS B 258 1.80 -11.61 0.13
C HIS B 258 0.35 -11.48 0.59
N LEU B 259 -0.59 -12.30 0.07
CA LEU B 259 -1.97 -12.20 0.52
C LEU B 259 -2.13 -12.70 1.96
N PRO B 260 -1.90 -13.98 2.28
CA PRO B 260 -2.05 -14.40 3.69
C PRO B 260 -0.95 -13.90 4.60
N GLY B 261 0.19 -13.47 4.04
CA GLY B 261 1.31 -13.21 4.93
C GLY B 261 1.85 -14.52 5.49
N TYR B 262 2.59 -14.40 6.58
CA TYR B 262 3.10 -15.56 7.32
CA TYR B 262 3.04 -15.56 7.34
C TYR B 262 3.51 -15.07 8.71
N ASN B 263 3.29 -15.91 9.72
CA ASN B 263 3.65 -15.56 11.09
C ASN B 263 5.03 -16.15 11.37
N SER B 264 6.02 -15.27 11.53
CA SER B 264 7.40 -15.68 11.71
C SER B 264 7.86 -15.68 13.16
N ARG B 265 6.96 -15.57 14.14
CA ARG B 265 7.40 -15.60 15.52
CA ARG B 265 7.40 -15.60 15.52
C ARG B 265 8.13 -16.91 15.81
N PRO B 266 9.35 -16.86 16.38
CA PRO B 266 10.08 -18.10 16.65
C PRO B 266 9.40 -18.96 17.71
N ALA B 267 9.64 -20.27 17.62
CA ALA B 267 8.92 -21.23 18.43
C ALA B 267 9.02 -20.94 19.92
N GLY B 268 10.19 -20.54 20.40
CA GLY B 268 10.36 -20.38 21.82
C GLY B 268 10.10 -19.00 22.38
N ILE B 269 9.47 -18.11 21.61
CA ILE B 269 9.21 -16.75 22.04
C ILE B 269 7.75 -16.65 22.45
N LYS B 270 7.50 -16.06 23.62
CA LYS B 270 6.13 -15.92 24.11
C LYS B 270 5.38 -14.86 23.31
N PRO B 271 4.15 -15.12 22.85
CA PRO B 271 3.43 -14.08 22.11
C PRO B 271 3.13 -12.86 22.95
N ARG B 272 3.05 -13.01 24.27
CA ARG B 272 2.67 -11.90 25.15
C ARG B 272 3.41 -12.05 26.46
N GLU B 273 4.09 -10.97 26.88
CA GLU B 273 4.85 -10.99 28.13
C GLU B 273 4.46 -9.83 29.05
N TYR B 274 3.19 -9.43 29.03
CA TYR B 274 2.78 -8.30 29.84
C TYR B 274 1.40 -8.53 30.43
N MET C 9 -11.26 18.67 29.15
CA MET C 9 -12.54 18.57 28.48
C MET C 9 -12.64 17.28 27.66
N GLY C 10 -13.84 16.72 27.56
CA GLY C 10 -14.04 15.58 26.68
C GLY C 10 -13.74 15.91 25.24
N LEU C 11 -13.24 14.92 24.50
CA LEU C 11 -12.75 15.20 23.16
C LEU C 11 -13.87 15.49 22.17
N LEU C 12 -15.11 15.14 22.51
CA LEU C 12 -16.24 15.31 21.60
C LEU C 12 -17.34 16.18 22.22
N GLU C 13 -16.98 17.07 23.14
CA GLU C 13 -17.99 17.92 23.77
CA GLU C 13 -18.02 17.89 23.76
C GLU C 13 -18.66 18.81 22.71
N GLN C 14 -19.97 18.99 22.87
CA GLN C 14 -20.81 19.79 21.97
C GLN C 14 -20.86 19.23 20.55
N ARG C 15 -20.46 17.98 20.34
CA ARG C 15 -20.60 17.34 19.04
C ARG C 15 -21.69 16.27 19.10
N VAL C 16 -22.27 15.98 17.94
CA VAL C 16 -23.33 14.99 17.80
C VAL C 16 -22.81 13.91 16.84
N ALA C 17 -22.98 12.64 17.23
CA ALA C 17 -22.50 11.50 16.47
C ALA C 17 -23.63 10.53 16.21
N LEU C 18 -23.65 9.94 15.01
CA LEU C 18 -24.55 8.85 14.68
C LEU C 18 -23.72 7.62 14.35
N VAL C 19 -24.00 6.52 15.05
CA VAL C 19 -23.26 5.27 14.88
C VAL C 19 -24.24 4.20 14.43
N THR C 20 -24.05 3.66 13.23
CA THR C 20 -24.94 2.60 12.79
C THR C 20 -24.54 1.26 13.42
N GLY C 21 -25.54 0.42 13.68
CA GLY C 21 -25.28 -0.85 14.31
C GLY C 21 -24.70 -0.76 15.70
N ALA C 22 -25.09 0.25 16.47
CA ALA C 22 -24.46 0.52 17.76
C ALA C 22 -25.05 -0.30 18.91
N GLY C 23 -25.93 -1.27 18.63
CA GLY C 23 -26.48 -2.10 19.69
C GLY C 23 -25.53 -3.15 20.24
N GLY C 24 -24.49 -3.53 19.47
CA GLY C 24 -23.60 -4.58 19.90
C GLY C 24 -22.21 -4.41 19.31
N GLY C 25 -21.28 -5.23 19.81
CA GLY C 25 -19.95 -5.32 19.20
C GLY C 25 -19.21 -4.00 19.16
N ILE C 26 -18.52 -3.77 18.04
CA ILE C 26 -17.67 -2.58 17.92
C ILE C 26 -18.51 -1.31 17.94
N GLY C 27 -19.68 -1.32 17.28
CA GLY C 27 -20.52 -0.14 17.28
C GLY C 27 -20.95 0.26 18.69
N ARG C 28 -21.27 -0.73 19.53
CA ARG C 28 -21.60 -0.42 20.92
C ARG C 28 -20.37 0.13 21.65
N GLY C 29 -19.19 -0.45 21.42
CA GLY C 29 -18.00 0.05 22.07
C GLY C 29 -17.68 1.47 21.65
N VAL C 30 -17.85 1.77 20.36
CA VAL C 30 -17.62 3.13 19.88
C VAL C 30 -18.64 4.09 20.46
N ALA C 31 -19.93 3.71 20.49
CA ALA C 31 -20.95 4.61 21.00
C ALA C 31 -20.71 4.93 22.47
N ARG C 32 -20.35 3.94 23.28
CA ARG C 32 -20.06 4.19 24.69
C ARG C 32 -18.83 5.06 24.84
N SER C 33 -17.79 4.79 24.04
CA SER C 33 -16.60 5.64 24.08
CA SER C 33 -16.60 5.64 24.07
C SER C 33 -16.93 7.08 23.72
N PHE C 34 -17.77 7.28 22.69
CA PHE C 34 -18.19 8.62 22.31
C PHE C 34 -18.97 9.30 23.44
N GLY C 35 -19.89 8.56 24.05
CA GLY C 35 -20.65 9.13 25.16
C GLY C 35 -19.75 9.60 26.30
N ASN C 36 -18.70 8.83 26.58
CA ASN C 36 -17.77 9.23 27.64
C ASN C 36 -16.93 10.45 27.27
N GLU C 37 -16.86 10.81 25.98
CA GLU C 37 -16.13 11.99 25.56
C GLU C 37 -17.02 13.20 25.34
N GLY C 38 -18.30 13.12 25.72
CA GLY C 38 -19.18 14.27 25.67
C GLY C 38 -20.09 14.36 24.47
N ALA C 39 -20.04 13.41 23.55
CA ALA C 39 -20.87 13.46 22.35
C ALA C 39 -22.29 13.05 22.66
N ALA C 40 -23.25 13.67 21.98
CA ALA C 40 -24.61 13.16 21.91
C ALA C 40 -24.64 12.07 20.84
N VAL C 41 -25.07 10.86 21.21
CA VAL C 41 -24.86 9.69 20.36
C VAL C 41 -26.21 9.16 19.91
N ILE C 42 -26.42 9.12 18.61
CA ILE C 42 -27.61 8.47 18.04
CA ILE C 42 -27.61 8.47 18.05
C ILE C 42 -27.27 7.01 17.81
N ILE C 43 -28.04 6.12 18.42
CA ILE C 43 -27.85 4.68 18.30
C ILE C 43 -28.76 4.23 17.16
N ALA C 44 -28.20 4.19 15.94
CA ALA C 44 -28.96 3.91 14.72
C ALA C 44 -28.88 2.42 14.47
N GLU C 45 -29.82 1.67 15.05
CA GLU C 45 -29.71 0.23 15.23
C GLU C 45 -31.03 -0.40 14.85
N ILE C 46 -30.96 -1.59 14.23
CA ILE C 46 -32.19 -2.27 13.81
C ILE C 46 -32.78 -3.07 14.96
N ASN C 47 -31.95 -3.56 15.87
CA ASN C 47 -32.41 -4.34 17.01
C ASN C 47 -32.90 -3.38 18.10
N GLU C 48 -34.21 -3.34 18.34
CA GLU C 48 -34.74 -2.37 19.28
C GLU C 48 -34.30 -2.68 20.72
N SER C 49 -34.21 -3.97 21.05
CA SER C 49 -33.77 -4.37 22.38
C SER C 49 -32.36 -3.89 22.68
N THR C 50 -31.39 -4.25 21.83
CA THR C 50 -30.00 -3.88 22.14
C THR C 50 -29.74 -2.39 21.90
N GLY C 51 -30.42 -1.80 20.92
CA GLY C 51 -30.27 -0.36 20.72
C GLY C 51 -30.70 0.45 21.93
N ARG C 52 -31.84 0.08 22.52
CA ARG C 52 -32.29 0.81 23.72
C ARG C 52 -31.40 0.53 24.91
N GLN C 53 -30.85 -0.69 25.00
CA GLN C 53 -29.93 -1.00 26.10
CA GLN C 53 -29.92 -1.02 26.09
C GLN C 53 -28.72 -0.08 26.09
N VAL C 54 -28.11 0.12 24.90
CA VAL C 54 -26.93 0.96 24.83
C VAL C 54 -27.29 2.43 25.04
N GLU C 55 -28.44 2.85 24.53
CA GLU C 55 -28.97 4.18 24.84
C GLU C 55 -29.02 4.41 26.34
N GLN C 56 -29.61 3.47 27.08
CA GLN C 56 -29.74 3.62 28.53
C GLN C 56 -28.38 3.54 29.22
N GLU C 57 -27.48 2.69 28.71
CA GLU C 57 -26.15 2.59 29.31
C GLU C 57 -25.40 3.92 29.23
N ILE C 58 -25.46 4.58 28.07
CA ILE C 58 -24.77 5.85 27.92
C ILE C 58 -25.37 6.90 28.84
N ARG C 59 -26.70 6.90 28.98
CA ARG C 59 -27.36 7.86 29.86
C ARG C 59 -27.00 7.60 31.31
N GLU C 60 -26.96 6.33 31.72
CA GLU C 60 -26.63 6.00 33.11
C GLU C 60 -25.20 6.39 33.45
N MET C 61 -24.32 6.45 32.46
CA MET C 61 -22.93 6.86 32.65
C MET C 61 -22.76 8.37 32.54
N GLY C 62 -23.84 9.13 32.46
CA GLY C 62 -23.77 10.58 32.44
C GLY C 62 -23.75 11.21 31.08
N GLY C 63 -24.01 10.45 30.01
CA GLY C 63 -23.95 10.97 28.65
C GLY C 63 -25.33 11.20 28.05
N ARG C 64 -25.32 11.72 26.83
CA ARG C 64 -26.53 12.00 26.07
CA ARG C 64 -26.55 11.97 26.08
C ARG C 64 -26.64 10.97 24.95
N SER C 65 -27.82 10.37 24.79
CA SER C 65 -27.98 9.36 23.75
CA SER C 65 -27.99 9.33 23.78
C SER C 65 -29.47 9.26 23.37
N LEU C 66 -29.69 8.81 22.14
CA LEU C 66 -31.03 8.59 21.61
C LEU C 66 -31.01 7.39 20.69
N PHE C 67 -31.81 6.37 21.00
CA PHE C 67 -31.99 5.25 20.09
C PHE C 67 -32.97 5.66 18.99
N VAL C 68 -32.58 5.44 17.75
CA VAL C 68 -33.46 5.59 16.59
C VAL C 68 -33.45 4.26 15.84
N LYS C 69 -34.59 3.58 15.78
CA LYS C 69 -34.65 2.34 15.02
C LYS C 69 -34.33 2.62 13.56
N THR C 70 -33.28 1.98 13.06
CA THR C 70 -32.75 2.28 11.73
C THR C 70 -32.39 0.98 11.04
N ASP C 71 -32.80 0.85 9.77
CA ASP C 71 -32.43 -0.27 8.91
C ASP C 71 -31.59 0.30 7.78
N VAL C 72 -30.28 0.03 7.80
CA VAL C 72 -29.38 0.68 6.85
C VAL C 72 -29.53 0.12 5.43
N THR C 73 -30.39 -0.89 5.25
CA THR C 73 -30.71 -1.30 3.88
C THR C 73 -31.76 -0.41 3.23
N SER C 74 -32.31 0.55 3.99
CA SER C 74 -33.31 1.49 3.49
C SER C 74 -32.73 2.90 3.50
N LYS C 75 -32.65 3.51 2.32
CA LYS C 75 -32.20 4.89 2.21
C LYS C 75 -33.09 5.83 3.03
N ALA C 76 -34.41 5.64 2.96
CA ALA C 76 -35.33 6.49 3.72
C ALA C 76 -35.11 6.35 5.23
N SER C 77 -34.82 5.13 5.70
CA SER C 77 -34.60 4.94 7.13
C SER C 77 -33.34 5.67 7.59
N ILE C 78 -32.28 5.60 6.78
CA ILE C 78 -31.04 6.32 7.10
C ILE C 78 -31.28 7.82 7.12
N GLU C 79 -31.99 8.33 6.13
CA GLU C 79 -32.24 9.77 6.07
C GLU C 79 -33.05 10.21 7.28
N ALA C 80 -33.98 9.38 7.73
CA ALA C 80 -34.79 9.73 8.90
C ALA C 80 -33.93 9.77 10.16
N ALA C 81 -32.96 8.86 10.30
CA ALA C 81 -32.10 8.90 11.48
C ALA C 81 -31.21 10.12 11.46
N VAL C 82 -30.73 10.51 10.27
CA VAL C 82 -29.92 11.73 10.17
C VAL C 82 -30.74 12.95 10.54
N ARG C 83 -31.98 13.04 10.04
CA ARG C 83 -32.86 14.14 10.43
C ARG C 83 -33.11 14.17 11.93
N SER C 84 -33.26 12.99 12.55
CA SER C 84 -33.47 12.94 14.00
C SER C 84 -32.26 13.51 14.74
N ALA C 85 -31.05 13.17 14.31
CA ALA C 85 -29.86 13.72 14.95
C ALA C 85 -29.89 15.25 14.92
N VAL C 86 -30.15 15.83 13.75
CA VAL C 86 -30.12 17.27 13.61
C VAL C 86 -31.26 17.91 14.39
N GLU C 87 -32.45 17.33 14.32
CA GLU C 87 -33.60 17.94 14.99
CA GLU C 87 -33.61 17.92 14.99
C GLU C 87 -33.49 17.83 16.50
N GLN C 88 -33.03 16.69 17.01
CA GLN C 88 -33.02 16.47 18.46
C GLN C 88 -31.79 17.04 19.16
N PHE C 89 -30.66 17.17 18.46
CA PHE C 89 -29.45 17.65 19.11
C PHE C 89 -28.78 18.82 18.41
N GLY C 90 -29.26 19.23 17.23
CA GLY C 90 -28.85 20.48 16.63
C GLY C 90 -27.82 20.37 15.52
N SER C 91 -27.26 19.18 15.31
CA SER C 91 -26.22 18.98 14.29
C SER C 91 -26.03 17.49 14.11
N LEU C 92 -25.21 17.13 13.10
CA LEU C 92 -24.69 15.76 12.98
C LEU C 92 -23.23 15.91 12.57
N ASP C 93 -22.35 15.96 13.57
CA ASP C 93 -20.95 16.30 13.32
C ASP C 93 -20.12 15.10 12.92
N ILE C 94 -20.53 13.91 13.37
CA ILE C 94 -19.72 12.70 13.31
C ILE C 94 -20.59 11.57 12.80
N LEU C 95 -20.11 10.84 11.79
CA LEU C 95 -20.86 9.71 11.26
C LEU C 95 -19.98 8.47 11.30
N VAL C 96 -20.47 7.38 11.89
CA VAL C 96 -19.71 6.13 11.97
C VAL C 96 -20.53 5.05 11.29
N ASN C 97 -20.02 4.52 10.17
CA ASN C 97 -20.75 3.53 9.36
C ASN C 97 -20.23 2.15 9.72
N ASN C 98 -20.91 1.50 10.66
CA ASN C 98 -20.39 0.31 11.33
C ASN C 98 -21.23 -0.94 11.11
N ALA C 99 -22.54 -0.79 10.86
CA ALA C 99 -23.45 -1.94 10.80
C ALA C 99 -22.98 -2.99 9.78
N PHE C 100 -23.30 -4.24 10.09
CA PHE C 100 -22.80 -5.40 9.37
C PHE C 100 -23.82 -6.53 9.43
N VAL C 101 -24.07 -7.18 8.30
CA VAL C 101 -24.90 -8.38 8.25
C VAL C 101 -24.09 -9.48 7.58
N PRO C 102 -23.88 -10.63 8.22
CA PRO C 102 -23.08 -11.69 7.61
C PRO C 102 -23.84 -12.48 6.53
N THR C 103 -23.06 -13.08 5.64
CA THR C 103 -23.53 -14.10 4.70
C THR C 103 -22.79 -15.40 4.98
N PRO C 104 -23.30 -16.55 4.50
CA PRO C 104 -22.65 -17.83 4.81
C PRO C 104 -21.19 -17.85 4.38
N ASN C 105 -20.36 -18.48 5.21
CA ASN C 105 -18.94 -18.61 4.91
C ASN C 105 -18.74 -19.77 3.95
N VAL C 106 -18.79 -19.47 2.64
CA VAL C 106 -18.71 -20.48 1.60
C VAL C 106 -17.68 -20.00 0.57
N LEU C 107 -17.16 -20.96 -0.20
CA LEU C 107 -16.14 -20.65 -1.19
C LEU C 107 -16.72 -19.71 -2.25
N LEU C 108 -15.85 -18.96 -2.90
CA LEU C 108 -16.29 -17.88 -3.80
C LEU C 108 -17.26 -18.40 -4.87
N GLU C 109 -16.97 -19.54 -5.48
CA GLU C 109 -17.85 -20.08 -6.52
C GLU C 109 -19.18 -20.57 -5.94
N GLU C 110 -19.30 -20.70 -4.63
CA GLU C 110 -20.56 -21.07 -4.00
C GLU C 110 -21.38 -19.87 -3.55
N LYS C 111 -20.76 -18.69 -3.40
CA LYS C 111 -21.53 -17.49 -3.08
C LYS C 111 -22.59 -17.28 -4.16
N THR C 112 -23.78 -16.84 -3.74
CA THR C 112 -24.81 -16.50 -4.70
C THR C 112 -24.79 -15.00 -5.01
N ASP C 113 -25.39 -14.65 -6.16
CA ASP C 113 -25.56 -13.23 -6.48
C ASP C 113 -26.34 -12.52 -5.38
N GLU C 114 -27.32 -13.21 -4.77
CA GLU C 114 -28.11 -12.62 -3.71
C GLU C 114 -27.24 -12.24 -2.52
N MET C 115 -26.23 -13.06 -2.22
CA MET C 115 -25.32 -12.73 -1.13
C MET C 115 -24.52 -11.47 -1.44
N LEU C 116 -23.99 -11.36 -2.66
CA LEU C 116 -23.22 -10.18 -3.02
C LEU C 116 -24.11 -8.94 -3.00
N GLU C 117 -25.35 -9.05 -3.50
CA GLU C 117 -26.24 -7.90 -3.49
C GLU C 117 -26.57 -7.48 -2.06
N GLN C 118 -26.81 -8.45 -1.18
CA GLN C 118 -27.12 -8.12 0.21
C GLN C 118 -25.94 -7.44 0.88
N THR C 119 -24.72 -7.95 0.65
CA THR C 119 -23.53 -7.38 1.27
C THR C 119 -23.21 -6.00 0.70
N LEU C 120 -23.35 -5.83 -0.61
CA LEU C 120 -23.21 -4.48 -1.19
C LEU C 120 -24.20 -3.50 -0.58
N THR C 121 -25.44 -3.95 -0.32
CA THR C 121 -26.44 -3.04 0.24
C THR C 121 -26.11 -2.68 1.68
N THR C 122 -25.79 -3.67 2.51
CA THR C 122 -25.65 -3.43 3.94
C THR C 122 -24.32 -2.77 4.29
N SER C 123 -23.30 -2.97 3.47
CA SER C 123 -22.02 -2.30 3.71
C SER C 123 -21.89 -1.05 2.85
N LEU C 124 -21.89 -1.22 1.54
CA LEU C 124 -21.49 -0.15 0.64
C LEU C 124 -22.62 0.87 0.44
N TRP C 125 -23.82 0.41 0.03
CA TRP C 125 -24.91 1.36 -0.17
C TRP C 125 -25.27 2.07 1.12
N ALA C 126 -25.28 1.34 2.24
CA ALA C 126 -25.55 1.96 3.53
C ALA C 126 -24.59 3.11 3.80
N THR C 127 -23.30 2.89 3.50
CA THR C 127 -22.29 3.93 3.72
C THR C 127 -22.50 5.11 2.75
N TRP C 128 -22.72 4.81 1.47
CA TRP C 128 -23.06 5.83 0.48
C TRP C 128 -24.24 6.68 0.93
N TRP C 129 -25.36 6.04 1.30
CA TRP C 129 -26.55 6.78 1.68
C TRP C 129 -26.30 7.65 2.92
N ALA C 130 -25.69 7.08 3.95
CA ALA C 130 -25.47 7.82 5.18
C ALA C 130 -24.49 8.98 4.97
N MET C 131 -23.44 8.76 4.18
CA MET C 131 -22.48 9.83 3.93
C MET C 131 -23.14 11.01 3.23
N ARG C 132 -23.95 10.72 2.20
CA ARG C 132 -24.57 11.79 1.44
C ARG C 132 -25.65 12.51 2.25
N ALA C 133 -26.33 11.80 3.17
CA ALA C 133 -27.31 12.45 4.04
C ALA C 133 -26.63 13.31 5.10
N ALA C 134 -25.58 12.78 5.73
CA ALA C 134 -24.86 13.55 6.75
C ALA C 134 -24.11 14.73 6.16
N PHE C 135 -23.72 14.63 4.88
CA PHE C 135 -22.99 15.71 4.22
C PHE C 135 -23.72 17.06 4.34
N VAL C 136 -25.06 17.04 4.27
CA VAL C 136 -25.80 18.31 4.24
C VAL C 136 -25.59 19.11 5.52
N PRO C 137 -25.84 18.58 6.74
CA PRO C 137 -25.56 19.40 7.93
C PRO C 137 -24.08 19.64 8.15
N MET C 138 -23.21 18.69 7.78
CA MET C 138 -21.76 18.91 7.94
C MET C 138 -21.26 20.05 7.06
N ARG C 139 -21.71 20.08 5.80
CA ARG C 139 -21.32 21.16 4.90
CA ARG C 139 -21.32 21.16 4.90
C ARG C 139 -21.80 22.52 5.42
N GLU C 140 -23.05 22.57 5.89
CA GLU C 140 -23.60 23.83 6.38
C GLU C 140 -22.77 24.39 7.54
N ARG C 141 -22.27 23.51 8.41
CA ARG C 141 -21.48 23.91 9.57
C ARG C 141 -19.98 23.95 9.32
N ARG C 142 -19.54 23.52 8.13
CA ARG C 142 -18.11 23.46 7.77
C ARG C 142 -17.30 22.68 8.81
N TRP C 143 -17.85 21.53 9.23
CA TRP C 143 -17.15 20.64 10.16
C TRP C 143 -17.80 19.26 10.05
N GLY C 144 -17.00 18.24 9.73
CA GLY C 144 -17.51 16.89 9.73
C GLY C 144 -16.40 15.87 9.91
N ARG C 145 -16.77 14.73 10.51
CA ARG C 145 -15.89 13.57 10.64
C ARG C 145 -16.69 12.35 10.20
N ILE C 146 -16.20 11.65 9.18
CA ILE C 146 -16.83 10.42 8.72
C ILE C 146 -15.84 9.29 8.96
N VAL C 147 -16.28 8.27 9.69
CA VAL C 147 -15.45 7.13 10.04
C VAL C 147 -16.10 5.91 9.41
N ASN C 148 -15.47 5.36 8.37
CA ASN C 148 -15.96 4.15 7.72
C ASN C 148 -15.18 2.95 8.22
N PHE C 149 -15.74 1.76 8.02
CA PHE C 149 -15.12 0.53 8.49
C PHE C 149 -14.90 -0.41 7.31
N TYR C 150 -13.67 -0.87 7.17
CA TYR C 150 -13.42 -1.92 6.21
C TYR C 150 -12.78 -3.09 6.97
N SER C 151 -11.95 -3.90 6.32
CA SER C 151 -11.46 -5.08 7.00
C SER C 151 -10.12 -5.51 6.42
N ILE C 152 -9.29 -6.10 7.29
CA ILE C 152 -8.06 -6.74 6.84
C ILE C 152 -8.36 -7.83 5.81
N ASP C 153 -9.57 -8.38 5.82
CA ASP C 153 -9.90 -9.41 4.83
C ASP C 153 -9.85 -8.84 3.41
N THR C 154 -10.05 -7.52 3.23
CA THR C 154 -9.98 -6.96 1.89
C THR C 154 -8.57 -6.97 1.36
N GLU C 155 -7.58 -7.04 2.25
CA GLU C 155 -6.18 -7.01 1.90
C GLU C 155 -5.56 -8.40 1.80
N THR C 156 -6.05 -9.37 2.57
CA THR C 156 -5.61 -10.75 2.47
C THR C 156 -6.42 -11.55 1.46
N GLY C 157 -7.54 -11.03 0.99
CA GLY C 157 -8.45 -11.84 0.19
C GLY C 157 -8.93 -13.05 0.95
N ALA C 158 -9.35 -12.84 2.21
CA ALA C 158 -9.61 -13.96 3.11
C ALA C 158 -10.62 -14.93 2.51
N TRP C 159 -10.32 -16.23 2.62
CA TRP C 159 -11.21 -17.29 2.15
C TRP C 159 -12.58 -17.15 2.77
N LEU C 160 -13.60 -17.50 1.99
CA LEU C 160 -15.00 -17.64 2.39
C LEU C 160 -15.70 -16.30 2.54
N HIS C 161 -15.03 -15.17 2.31
CA HIS C 161 -15.60 -13.84 2.54
C HIS C 161 -15.62 -13.01 1.26
N GLY C 162 -15.65 -13.69 0.09
CA GLY C 162 -15.48 -12.98 -1.17
C GLY C 162 -16.40 -11.80 -1.36
N ASP C 163 -17.68 -11.94 -0.99
CA ASP C 163 -18.59 -10.81 -1.17
C ASP C 163 -18.26 -9.67 -0.21
N TYR C 164 -17.97 -10.01 1.04
CA TYR C 164 -17.58 -9.03 2.03
C TYR C 164 -16.30 -8.29 1.61
N ASN C 165 -15.29 -9.04 1.14
CA ASN C 165 -14.02 -8.42 0.74
C ASN C 165 -14.23 -7.44 -0.41
N THR C 166 -15.16 -7.75 -1.31
CA THR C 166 -15.45 -6.89 -2.45
C THR C 166 -16.14 -5.60 -2.00
N ALA C 167 -17.20 -5.73 -1.19
CA ALA C 167 -17.91 -4.54 -0.72
C ALA C 167 -17.03 -3.65 0.15
N LYS C 168 -16.26 -4.26 1.05
CA LYS C 168 -15.45 -3.44 1.94
C LYS C 168 -14.29 -2.79 1.19
N ALA C 169 -13.78 -3.42 0.13
CA ALA C 169 -12.81 -2.73 -0.71
C ALA C 169 -13.47 -1.53 -1.38
N GLY C 170 -14.72 -1.67 -1.82
CA GLY C 170 -15.42 -0.53 -2.38
C GLY C 170 -15.52 0.62 -1.40
N ILE C 171 -15.70 0.31 -0.10
CA ILE C 171 -15.78 1.35 0.92
CA ILE C 171 -15.76 1.32 0.95
C ILE C 171 -14.49 2.17 0.96
N VAL C 172 -13.34 1.52 0.75
CA VAL C 172 -12.08 2.27 0.74
C VAL C 172 -12.05 3.26 -0.43
N GLY C 173 -12.51 2.82 -1.61
CA GLY C 173 -12.55 3.74 -2.74
C GLY C 173 -13.48 4.93 -2.48
N LEU C 174 -14.62 4.67 -1.85
CA LEU C 174 -15.56 5.75 -1.53
C LEU C 174 -14.97 6.68 -0.48
N THR C 175 -14.31 6.12 0.53
CA THR C 175 -13.64 6.93 1.56
C THR C 175 -12.65 7.91 0.93
N ARG C 176 -11.80 7.41 0.03
CA ARG C 176 -10.80 8.27 -0.58
C ARG C 176 -11.46 9.34 -1.45
N SER C 177 -12.56 8.98 -2.13
CA SER C 177 -13.24 9.93 -3.01
C SER C 177 -13.82 11.08 -2.20
N ALA C 178 -14.53 10.77 -1.12
CA ALA C 178 -15.13 11.82 -0.31
C ALA C 178 -14.08 12.65 0.40
N ALA C 179 -13.00 12.02 0.88
CA ALA C 179 -11.92 12.78 1.48
C ALA C 179 -11.35 13.79 0.50
N SER C 180 -11.16 13.36 -0.75
CA SER C 180 -10.60 14.24 -1.76
CA SER C 180 -10.61 14.24 -1.77
C SER C 180 -11.50 15.45 -1.99
N GLU C 181 -12.81 15.24 -2.14
CA GLU C 181 -13.71 16.30 -2.55
C GLU C 181 -14.23 17.15 -1.39
N TRP C 182 -14.47 16.55 -0.23
CA TRP C 182 -15.19 17.24 0.82
C TRP C 182 -14.27 17.93 1.83
N GLY C 183 -12.96 17.76 1.68
CA GLY C 183 -12.03 18.52 2.50
C GLY C 183 -12.20 20.01 2.38
N ARG C 184 -12.72 20.49 1.23
CA ARG C 184 -12.90 21.93 1.08
C ARG C 184 -13.91 22.48 2.06
N PHE C 185 -14.74 21.62 2.66
CA PHE C 185 -15.69 22.02 3.68
C PHE C 185 -15.25 21.63 5.09
N ASN C 186 -14.00 21.22 5.27
CA ASN C 186 -13.51 20.76 6.57
C ASN C 186 -14.28 19.52 7.02
N ILE C 187 -14.64 18.66 6.07
CA ILE C 187 -15.15 17.33 6.34
C ILE C 187 -14.03 16.33 6.03
N THR C 188 -13.58 15.59 7.05
CA THR C 188 -12.58 14.54 6.83
C THR C 188 -13.28 13.17 6.78
N VAL C 189 -12.67 12.24 6.05
CA VAL C 189 -13.24 10.92 5.80
C VAL C 189 -12.10 9.90 5.88
N ASN C 190 -12.22 8.94 6.79
CA ASN C 190 -11.17 7.94 6.99
C ASN C 190 -11.82 6.60 7.25
N ALA C 191 -11.03 5.53 7.14
CA ALA C 191 -11.55 4.18 7.32
C ALA C 191 -10.66 3.40 8.28
N ILE C 192 -11.30 2.68 9.21
CA ILE C 192 -10.62 1.83 10.17
C ILE C 192 -10.84 0.38 9.77
N ALA C 193 -9.78 -0.44 9.86
CA ALA C 193 -9.92 -1.89 9.75
C ALA C 193 -9.69 -2.47 11.15
N PRO C 194 -10.75 -2.73 11.89
CA PRO C 194 -10.59 -3.19 13.28
C PRO C 194 -10.63 -4.69 13.38
N THR C 195 -10.12 -5.24 14.48
CA THR C 195 -10.52 -6.58 14.91
C THR C 195 -10.87 -6.47 16.38
N ALA C 196 -11.92 -7.18 16.80
CA ALA C 196 -12.30 -7.15 18.21
C ALA C 196 -13.21 -8.32 18.51
N MET C 197 -13.49 -8.50 19.80
CA MET C 197 -14.37 -9.56 20.26
C MET C 197 -15.81 -9.07 20.14
N GLY C 198 -16.34 -9.20 18.92
CA GLY C 198 -17.74 -8.95 18.63
C GLY C 198 -18.51 -10.23 18.45
N ALA C 199 -19.67 -10.13 17.77
CA ALA C 199 -20.59 -11.27 17.67
C ALA C 199 -19.94 -12.43 16.92
N THR C 200 -19.25 -12.13 15.82
CA THR C 200 -18.55 -13.19 15.07
C THR C 200 -17.52 -13.89 15.94
N PHE C 201 -16.75 -13.12 16.72
CA PHE C 201 -15.69 -13.72 17.56
C PHE C 201 -16.27 -14.75 18.51
N PHE C 202 -17.36 -14.42 19.18
CA PHE C 202 -17.92 -15.34 20.16
C PHE C 202 -18.57 -16.55 19.50
N GLU C 203 -19.08 -16.38 18.29
CA GLU C 203 -19.58 -17.54 17.54
C GLU C 203 -18.44 -18.50 17.20
N LEU C 204 -17.34 -17.97 16.67
CA LEU C 204 -16.20 -18.81 16.35
C LEU C 204 -15.60 -19.42 17.62
N ALA C 205 -15.55 -18.65 18.70
CA ALA C 205 -14.96 -19.14 19.95
C ALA C 205 -15.81 -20.26 20.55
N ALA C 206 -17.13 -20.17 20.40
CA ALA C 206 -18.01 -21.21 20.93
C ALA C 206 -17.81 -22.54 20.22
N LYS C 207 -17.54 -22.50 18.91
CA LYS C 207 -17.40 -23.72 18.13
C LYS C 207 -16.02 -24.36 18.25
N ASN C 208 -14.99 -23.58 18.54
CA ASN C 208 -13.61 -24.09 18.60
C ASN C 208 -12.99 -23.66 19.92
N PRO C 209 -12.58 -24.61 20.78
CA PRO C 209 -12.00 -24.22 22.08
C PRO C 209 -10.61 -23.59 21.97
N GLU C 210 -9.87 -23.85 20.89
CA GLU C 210 -8.55 -23.28 20.69
C GLU C 210 -8.57 -22.02 19.83
N PHE C 211 -9.74 -21.53 19.44
CA PHE C 211 -9.80 -20.38 18.54
C PHE C 211 -9.25 -19.13 19.18
N ALA C 212 -9.66 -18.83 20.42
CA ALA C 212 -9.24 -17.59 21.07
C ALA C 212 -7.74 -17.56 21.29
N GLU C 213 -7.16 -18.69 21.70
CA GLU C 213 -5.72 -18.78 21.87
C GLU C 213 -4.98 -18.46 20.59
N ARG C 214 -5.35 -19.13 19.50
CA ARG C 214 -4.67 -18.90 18.23
C ARG C 214 -4.91 -17.49 17.72
N SER C 215 -6.10 -16.94 17.95
CA SER C 215 -6.39 -15.59 17.44
C SER C 215 -5.54 -14.54 18.16
N ALA C 216 -5.42 -14.66 19.49
CA ALA C 216 -4.60 -13.71 20.24
C ALA C 216 -3.13 -13.83 19.85
N ALA C 217 -2.62 -15.06 19.76
CA ALA C 217 -1.22 -15.32 19.42
C ALA C 217 -0.90 -15.02 17.97
N ALA C 218 -1.90 -14.75 17.14
CA ALA C 218 -1.63 -14.47 15.74
C ALA C 218 -1.02 -13.10 15.50
N ARG C 219 -0.98 -12.21 16.49
CA ARG C 219 -0.66 -10.82 16.24
C ARG C 219 0.44 -10.32 17.17
N PRO C 220 1.14 -9.25 16.77
CA PRO C 220 2.27 -8.74 17.58
C PRO C 220 1.94 -8.40 19.02
N LEU C 221 0.75 -7.85 19.30
CA LEU C 221 0.44 -7.50 20.69
C LEU C 221 -0.07 -8.69 21.51
N GLY C 222 -0.30 -9.83 20.86
CA GLY C 222 -0.56 -11.07 21.57
C GLY C 222 -1.85 -11.14 22.32
N ARG C 223 -2.83 -10.32 21.95
CA ARG C 223 -4.10 -10.31 22.66
C ARG C 223 -5.22 -9.88 21.70
N SER C 224 -6.44 -10.26 22.06
CA SER C 224 -7.61 -9.91 21.28
C SER C 224 -8.13 -8.53 21.68
N GLY C 225 -8.88 -7.92 20.77
CA GLY C 225 -9.34 -6.55 20.96
C GLY C 225 -10.64 -6.45 21.74
N ASP C 226 -10.69 -5.50 22.65
CA ASP C 226 -11.92 -5.14 23.31
C ASP C 226 -12.60 -4.01 22.54
N PRO C 227 -13.88 -4.14 22.17
CA PRO C 227 -14.52 -3.07 21.38
C PRO C 227 -14.35 -1.68 22.00
N GLU C 228 -14.69 -1.51 23.28
CA GLU C 228 -14.69 -0.17 23.85
C GLU C 228 -13.27 0.34 24.14
N GLN C 229 -12.41 -0.50 24.72
CA GLN C 229 -11.10 -0.01 25.15
C GLN C 229 -10.09 0.05 24.02
N ASP C 230 -10.22 -0.81 23.01
CA ASP C 230 -9.23 -0.88 21.93
C ASP C 230 -9.69 -0.21 20.64
N ILE C 231 -10.95 -0.37 20.24
CA ILE C 231 -11.41 0.27 19.01
C ILE C 231 -11.98 1.67 19.28
N GLY C 232 -12.75 1.81 20.35
CA GLY C 232 -13.32 3.08 20.75
C GLY C 232 -12.39 4.28 20.60
N PRO C 233 -11.20 4.23 21.22
CA PRO C 233 -10.33 5.41 21.17
C PRO C 233 -9.83 5.75 19.77
N ALA C 234 -9.68 4.76 18.89
CA ALA C 234 -9.29 5.06 17.52
C ALA C 234 -10.42 5.79 16.78
N ALA C 235 -11.67 5.36 17.01
CA ALA C 235 -12.79 6.10 16.46
C ALA C 235 -12.85 7.52 17.03
N VAL C 236 -12.58 7.66 18.34
CA VAL C 236 -12.56 9.01 18.94
C VAL C 236 -11.52 9.88 18.25
N PHE C 237 -10.31 9.35 18.04
CA PHE C 237 -9.29 10.09 17.30
C PHE C 237 -9.84 10.62 15.99
N PHE C 238 -10.44 9.73 15.17
CA PHE C 238 -10.97 10.09 13.86
C PHE C 238 -12.28 10.86 13.92
N ALA C 239 -12.84 11.05 15.11
CA ALA C 239 -14.06 11.85 15.26
C ALA C 239 -13.81 13.20 15.90
N SER C 240 -12.54 13.57 16.14
CA SER C 240 -12.19 14.69 17.01
C SER C 240 -11.30 15.68 16.28
N GLU C 241 -10.97 16.79 16.98
CA GLU C 241 -9.97 17.72 16.44
C GLU C 241 -8.58 17.12 16.37
N MET C 242 -8.32 16.00 17.07
CA MET C 242 -6.98 15.44 17.02
C MET C 242 -6.60 15.02 15.61
N SER C 243 -7.58 14.63 14.78
CA SER C 243 -7.32 14.18 13.42
C SER C 243 -7.67 15.25 12.40
N ARG C 244 -7.64 16.52 12.81
CA ARG C 244 -8.07 17.61 11.94
C ARG C 244 -7.23 17.75 10.67
N PHE C 245 -6.00 17.20 10.64
CA PHE C 245 -5.15 17.27 9.46
C PHE C 245 -4.96 15.89 8.80
N VAL C 246 -5.82 14.92 9.13
CA VAL C 246 -5.77 13.56 8.60
C VAL C 246 -7.04 13.29 7.82
N THR C 247 -6.91 12.96 6.53
CA THR C 247 -8.09 12.59 5.77
C THR C 247 -7.71 11.63 4.65
N GLY C 248 -8.66 10.76 4.27
CA GLY C 248 -8.39 9.80 3.22
C GLY C 248 -7.55 8.60 3.62
N GLU C 249 -7.36 8.36 4.92
CA GLU C 249 -6.43 7.35 5.40
C GLU C 249 -7.16 6.06 5.78
N THR C 250 -6.39 4.98 5.78
CA THR C 250 -6.83 3.71 6.34
C THR C 250 -5.96 3.41 7.55
N LEU C 251 -6.56 2.94 8.64
CA LEU C 251 -5.78 2.59 9.81
C LEU C 251 -6.23 1.22 10.33
N HIS C 252 -5.24 0.34 10.55
CA HIS C 252 -5.50 -0.96 11.16
C HIS C 252 -5.51 -0.82 12.68
N VAL C 253 -6.60 -1.26 13.31
CA VAL C 253 -6.71 -1.24 14.76
C VAL C 253 -6.96 -2.67 15.20
N ASP C 254 -5.88 -3.44 15.32
CA ASP C 254 -5.96 -4.89 15.25
C ASP C 254 -4.83 -5.59 16.00
N GLY C 255 -4.16 -4.91 16.93
CA GLY C 255 -3.06 -5.53 17.65
C GLY C 255 -1.85 -5.79 16.79
N GLY C 256 -1.82 -5.21 15.59
CA GLY C 256 -0.76 -5.44 14.65
C GLY C 256 -0.97 -6.59 13.68
N LEU C 257 -2.17 -7.17 13.65
CA LEU C 257 -2.40 -8.37 12.83
C LEU C 257 -2.04 -8.15 11.36
N HIS C 258 -2.23 -6.92 10.86
CA HIS C 258 -1.92 -6.63 9.46
C HIS C 258 -0.47 -6.94 9.11
N LEU C 259 0.45 -6.96 10.09
CA LEU C 259 1.84 -7.27 9.75
C LEU C 259 2.00 -8.74 9.37
N PRO C 260 1.78 -9.73 10.26
CA PRO C 260 1.92 -11.12 9.82
C PRO C 260 0.81 -11.60 8.90
N GLY C 261 -0.34 -10.92 8.87
CA GLY C 261 -1.48 -11.48 8.14
C GLY C 261 -2.02 -12.70 8.88
N TYR C 262 -2.75 -13.54 8.14
CA TYR C 262 -3.30 -14.79 8.66
CA TYR C 262 -3.23 -14.81 8.66
C TYR C 262 -3.70 -15.66 7.48
N ASN C 263 -3.47 -16.96 7.56
CA ASN C 263 -3.84 -17.88 6.49
C ASN C 263 -5.24 -18.44 6.77
N SER C 264 -6.21 -18.07 5.95
CA SER C 264 -7.60 -18.43 6.19
C SER C 264 -8.10 -19.61 5.36
N ARG C 265 -7.21 -20.36 4.70
CA ARG C 265 -7.65 -21.52 3.95
CA ARG C 265 -7.65 -21.52 3.95
C ARG C 265 -8.36 -22.50 4.88
N PRO C 266 -9.58 -22.93 4.55
CA PRO C 266 -10.29 -23.87 5.42
C PRO C 266 -9.59 -25.23 5.48
N ALA C 267 -9.84 -25.94 6.59
CA ALA C 267 -9.15 -27.20 6.84
C ALA C 267 -9.38 -28.23 5.74
N GLY C 268 -10.59 -28.28 5.18
CA GLY C 268 -10.94 -29.33 4.24
C GLY C 268 -10.60 -29.09 2.79
N ILE C 269 -9.82 -28.04 2.50
CA ILE C 269 -9.48 -27.67 1.13
C ILE C 269 -7.98 -27.87 0.97
N LYS C 270 -7.59 -28.68 -0.02
CA LYS C 270 -6.18 -28.94 -0.26
C LYS C 270 -5.51 -27.70 -0.86
N PRO C 271 -4.26 -27.41 -0.50
CA PRO C 271 -3.62 -26.20 -1.02
C PRO C 271 -3.31 -26.27 -2.52
N ARG C 272 -3.13 -27.46 -3.08
CA ARG C 272 -2.75 -27.62 -4.48
C ARG C 272 -3.53 -28.78 -5.09
N GLU C 273 -4.30 -28.49 -6.13
CA GLU C 273 -5.05 -29.51 -6.85
C GLU C 273 -4.62 -29.63 -8.31
N TYR C 274 -3.42 -29.14 -8.64
CA TYR C 274 -2.92 -29.23 -10.00
C TYR C 274 -1.55 -29.87 -10.05
N MET D 9 -8.50 14.43 32.26
CA MET D 9 -7.07 14.28 32.53
C MET D 9 -6.24 14.39 31.25
N GLY D 10 -5.00 14.89 31.37
CA GLY D 10 -4.11 14.90 30.23
C GLY D 10 -3.87 13.49 29.73
N LEU D 11 -3.74 13.36 28.40
CA LEU D 11 -3.60 12.04 27.81
C LEU D 11 -2.26 11.38 28.10
N LEU D 12 -1.26 12.15 28.56
CA LEU D 12 0.09 11.65 28.81
C LEU D 12 0.54 11.88 30.24
N GLU D 13 -0.40 12.02 31.18
CA GLU D 13 -0.03 12.25 32.57
CA GLU D 13 -0.03 12.25 32.57
C GLU D 13 0.82 11.10 33.09
N GLN D 14 1.83 11.43 33.91
CA GLN D 14 2.74 10.48 34.52
C GLN D 14 3.60 9.74 33.50
N ARG D 15 3.66 10.23 32.27
CA ARG D 15 4.54 9.64 31.25
C ARG D 15 5.71 10.59 30.97
N VAL D 16 6.80 10.01 30.46
CA VAL D 16 8.01 10.74 30.11
C VAL D 16 8.29 10.50 28.63
N ALA D 17 8.51 11.59 27.88
CA ALA D 17 8.77 11.52 26.45
C ALA D 17 10.12 12.14 26.13
N LEU D 18 10.82 11.57 25.14
CA LEU D 18 12.02 12.16 24.60
C LEU D 18 11.76 12.44 23.13
N VAL D 19 11.94 13.70 22.71
CA VAL D 19 11.70 14.11 21.33
C VAL D 19 13.02 14.63 20.78
N THR D 20 13.54 13.98 19.74
CA THR D 20 14.79 14.44 19.13
C THR D 20 14.49 15.60 18.20
N GLY D 21 15.41 16.56 18.15
CA GLY D 21 15.23 17.72 17.29
C GLY D 21 14.07 18.62 17.68
N ALA D 22 13.73 18.66 18.96
CA ALA D 22 12.54 19.36 19.42
C ALA D 22 12.77 20.87 19.60
N GLY D 23 13.90 21.42 19.17
CA GLY D 23 14.10 22.85 19.27
C GLY D 23 13.30 23.67 18.26
N GLY D 24 12.84 23.05 17.18
CA GLY D 24 12.10 23.79 16.18
C GLY D 24 11.15 22.89 15.41
N GLY D 25 10.33 23.54 14.57
CA GLY D 25 9.52 22.82 13.59
C GLY D 25 8.57 21.82 14.21
N ILE D 26 8.46 20.66 13.57
CA ILE D 26 7.50 19.65 14.03
C ILE D 26 7.89 19.13 15.41
N GLY D 27 9.19 18.92 15.64
CA GLY D 27 9.62 18.43 16.94
C GLY D 27 9.22 19.37 18.06
N ARG D 28 9.37 20.68 17.84
CA ARG D 28 8.93 21.67 18.82
C ARG D 28 7.43 21.60 19.04
N GLY D 29 6.65 21.52 17.95
CA GLY D 29 5.21 21.42 18.09
C GLY D 29 4.77 20.17 18.83
N VAL D 30 5.45 19.04 18.57
CA VAL D 30 5.12 17.80 19.26
C VAL D 30 5.48 17.90 20.74
N ALA D 31 6.64 18.46 21.05
CA ALA D 31 7.04 18.60 22.45
C ALA D 31 6.08 19.50 23.22
N ARG D 32 5.63 20.59 22.61
CA ARG D 32 4.68 21.48 23.31
C ARG D 32 3.34 20.79 23.48
N SER D 33 2.91 20.04 22.47
CA SER D 33 1.68 19.27 22.59
CA SER D 33 1.68 19.26 22.58
C SER D 33 1.79 18.26 23.72
N PHE D 34 2.92 17.55 23.81
CA PHE D 34 3.12 16.57 24.87
C PHE D 34 3.07 17.24 26.24
N GLY D 35 3.72 18.39 26.38
CA GLY D 35 3.72 19.08 27.67
C GLY D 35 2.31 19.47 28.10
N ASN D 36 1.48 19.88 27.16
CA ASN D 36 0.11 20.26 27.50
C ASN D 36 -0.77 19.08 27.87
N GLU D 37 -0.35 17.87 27.55
CA GLU D 37 -1.04 16.65 27.94
C GLU D 37 -0.41 15.99 29.16
N GLY D 38 0.51 16.68 29.84
CA GLY D 38 1.02 16.20 31.10
C GLY D 38 2.30 15.39 31.06
N ALA D 39 2.90 15.20 29.89
CA ALA D 39 4.15 14.46 29.82
C ALA D 39 5.30 15.34 30.26
N ALA D 40 6.30 14.70 30.87
CA ALA D 40 7.60 15.35 31.10
C ALA D 40 8.42 15.13 29.83
N VAL D 41 8.89 16.21 29.22
CA VAL D 41 9.43 16.14 27.85
C VAL D 41 10.92 16.47 27.88
N ILE D 42 11.74 15.51 27.47
CA ILE D 42 13.17 15.72 27.23
C ILE D 42 13.31 16.32 25.83
N ILE D 43 13.87 17.52 25.77
CA ILE D 43 14.12 18.22 24.51
C ILE D 43 15.51 17.78 24.08
N ALA D 44 15.58 16.74 23.25
CA ALA D 44 16.87 16.16 22.86
C ALA D 44 17.32 16.81 21.55
N GLU D 45 18.00 17.94 21.67
CA GLU D 45 18.20 18.88 20.57
C GLU D 45 19.66 19.28 20.53
N ILE D 46 20.21 19.43 19.31
CA ILE D 46 21.63 19.78 19.21
C ILE D 46 21.84 21.28 19.38
N ASN D 47 20.85 22.10 19.04
CA ASN D 47 20.96 23.55 19.14
C ASN D 47 20.57 23.95 20.57
N GLU D 48 21.56 24.40 21.35
CA GLU D 48 21.27 24.69 22.76
C GLU D 48 20.32 25.86 22.90
N SER D 49 20.42 26.86 22.01
CA SER D 49 19.58 28.05 22.14
C SER D 49 18.10 27.71 21.93
N THR D 50 17.77 27.06 20.81
CA THR D 50 16.36 26.72 20.58
C THR D 50 15.89 25.61 21.49
N GLY D 51 16.77 24.67 21.85
CA GLY D 51 16.37 23.61 22.77
C GLY D 51 15.97 24.16 24.13
N ARG D 52 16.77 25.06 24.68
CA ARG D 52 16.41 25.68 25.95
C ARG D 52 15.15 26.53 25.82
N GLN D 53 14.99 27.20 24.68
CA GLN D 53 13.78 28.00 24.46
C GLN D 53 12.53 27.15 24.60
N VAL D 54 12.53 25.96 23.99
CA VAL D 54 11.35 25.10 24.04
C VAL D 54 11.15 24.54 25.44
N GLU D 55 12.23 24.13 26.10
CA GLU D 55 12.14 23.74 27.51
C GLU D 55 11.46 24.81 28.34
N GLN D 56 11.87 26.07 28.16
CA GLN D 56 11.30 27.15 28.95
C GLN D 56 9.85 27.44 28.56
N GLU D 57 9.50 27.29 27.27
CA GLU D 57 8.12 27.47 26.86
C GLU D 57 7.20 26.46 27.53
N ILE D 58 7.64 25.21 27.60
CA ILE D 58 6.82 24.16 28.20
C ILE D 58 6.63 24.42 29.70
N ARG D 59 7.70 24.84 30.38
CA ARG D 59 7.58 25.17 31.80
C ARG D 59 6.65 26.36 32.02
N GLU D 60 6.77 27.39 31.18
CA GLU D 60 5.95 28.59 31.37
C GLU D 60 4.48 28.29 31.16
N MET D 61 4.16 27.26 30.38
CA MET D 61 2.79 26.84 30.16
C MET D 61 2.32 25.84 31.21
N GLY D 62 3.11 25.62 32.25
CA GLY D 62 2.72 24.76 33.35
C GLY D 62 3.11 23.31 33.23
N GLY D 63 3.96 22.96 32.27
CA GLY D 63 4.39 21.58 32.08
C GLY D 63 5.77 21.32 32.67
N ARG D 64 6.24 20.09 32.45
CA ARG D 64 7.57 19.68 32.88
CA ARG D 64 7.57 19.65 32.87
C ARG D 64 8.43 19.39 31.66
N SER D 65 9.66 19.90 31.67
CA SER D 65 10.54 19.71 30.53
C SER D 65 11.98 19.85 30.98
N LEU D 66 12.88 19.22 30.24
CA LEU D 66 14.32 19.39 30.46
C LEU D 66 15.03 19.34 29.13
N PHE D 67 15.77 20.41 28.82
CA PHE D 67 16.66 20.38 27.67
C PHE D 67 17.87 19.52 27.96
N VAL D 68 18.18 18.61 27.03
CA VAL D 68 19.39 17.79 27.10
C VAL D 68 20.06 17.88 25.74
N LYS D 69 21.23 18.52 25.68
CA LYS D 69 21.93 18.61 24.40
C LYS D 69 22.25 17.22 23.90
N THR D 70 21.82 16.94 22.67
CA THR D 70 21.90 15.62 22.07
C THR D 70 22.25 15.76 20.61
N ASP D 71 23.21 14.96 20.16
CA ASP D 71 23.61 14.87 18.75
C ASP D 71 23.26 13.45 18.30
N VAL D 72 22.21 13.32 17.49
CA VAL D 72 21.69 12.00 17.14
C VAL D 72 22.60 11.28 16.15
N THR D 73 23.69 11.94 15.71
CA THR D 73 24.70 11.23 14.92
C THR D 73 25.71 10.51 15.81
N SER D 74 25.53 10.54 17.13
CA SER D 74 26.40 9.86 18.07
C SER D 74 25.58 8.92 18.94
N LYS D 75 25.90 7.63 18.86
CA LYS D 75 25.25 6.64 19.71
C LYS D 75 25.40 6.98 21.19
N ALA D 76 26.60 7.42 21.60
CA ALA D 76 26.80 7.72 23.01
C ALA D 76 25.94 8.89 23.46
N SER D 77 25.76 9.89 22.59
CA SER D 77 24.96 11.06 22.96
C SER D 77 23.50 10.68 23.14
N ILE D 78 23.01 9.79 22.27
CA ILE D 78 21.65 9.30 22.38
C ILE D 78 21.47 8.51 23.68
N GLU D 79 22.39 7.58 23.94
CA GLU D 79 22.32 6.78 25.16
C GLU D 79 22.32 7.67 26.40
N ALA D 80 23.15 8.71 26.40
CA ALA D 80 23.18 9.61 27.55
C ALA D 80 21.85 10.34 27.71
N ALA D 81 21.24 10.76 26.61
CA ALA D 81 19.95 11.44 26.69
C ALA D 81 18.87 10.51 27.24
N VAL D 82 18.90 9.24 26.84
CA VAL D 82 17.96 8.27 27.41
C VAL D 82 18.19 8.11 28.91
N ARG D 83 19.46 8.03 29.33
CA ARG D 83 19.75 7.95 30.76
C ARG D 83 19.25 9.20 31.48
N SER D 84 19.41 10.37 30.84
CA SER D 84 18.95 11.62 31.46
C SER D 84 17.45 11.61 31.69
N ALA D 85 16.69 11.08 30.72
CA ALA D 85 15.23 10.98 30.91
C ALA D 85 14.88 10.13 32.12
N VAL D 86 15.51 8.96 32.25
CA VAL D 86 15.19 8.05 33.35
C VAL D 86 15.67 8.63 34.68
N GLU D 87 16.87 9.20 34.70
CA GLU D 87 17.43 9.70 35.95
C GLU D 87 16.68 10.94 36.45
N GLN D 88 16.25 11.81 35.54
CA GLN D 88 15.60 13.05 35.95
C GLN D 88 14.11 12.90 36.20
N PHE D 89 13.40 12.09 35.40
CA PHE D 89 11.95 11.98 35.50
C PHE D 89 11.45 10.58 35.83
N GLY D 90 12.31 9.56 35.87
CA GLY D 90 11.94 8.27 36.40
C GLY D 90 11.65 7.19 35.38
N SER D 91 11.53 7.52 34.10
CA SER D 91 11.17 6.54 33.08
C SER D 91 11.49 7.15 31.72
N LEU D 92 11.24 6.36 30.66
CA LEU D 92 11.23 6.90 29.30
C LEU D 92 10.15 6.10 28.55
N ASP D 93 8.92 6.61 28.60
CA ASP D 93 7.78 5.86 28.08
C ASP D 93 7.55 6.07 26.60
N ILE D 94 7.95 7.24 26.07
CA ILE D 94 7.59 7.69 24.73
C ILE D 94 8.86 8.19 24.04
N LEU D 95 9.11 7.70 22.82
CA LEU D 95 10.24 8.15 22.02
C LEU D 95 9.74 8.66 20.67
N VAL D 96 10.12 9.89 20.32
CA VAL D 96 9.77 10.49 19.04
C VAL D 96 11.06 10.80 18.30
N ASN D 97 11.28 10.12 17.16
CA ASN D 97 12.53 10.26 16.39
C ASN D 97 12.26 11.23 15.25
N ASN D 98 12.58 12.49 15.49
CA ASN D 98 12.15 13.59 14.64
C ASN D 98 13.28 14.35 13.97
N ALA D 99 14.50 14.34 14.54
CA ALA D 99 15.59 15.18 14.06
C ALA D 99 15.87 14.97 12.57
N PHE D 100 16.30 16.04 11.92
CA PHE D 100 16.49 16.08 10.47
C PHE D 100 17.63 17.03 10.13
N VAL D 101 18.45 16.63 9.15
CA VAL D 101 19.47 17.50 8.56
C VAL D 101 19.38 17.37 7.05
N PRO D 102 19.23 18.47 6.30
CA PRO D 102 19.09 18.36 4.85
C PRO D 102 20.43 18.15 4.16
N THR D 103 20.34 17.53 2.99
CA THR D 103 21.40 17.50 1.99
C THR D 103 20.96 18.31 0.77
N PRO D 104 21.91 18.72 -0.09
CA PRO D 104 21.55 19.56 -1.24
C PRO D 104 20.52 18.87 -2.16
N ASN D 105 19.60 19.68 -2.66
CA ASN D 105 18.56 19.22 -3.58
C ASN D 105 19.17 19.12 -4.97
N VAL D 106 19.68 17.93 -5.31
CA VAL D 106 20.35 17.71 -6.59
C VAL D 106 19.84 16.41 -7.21
N LEU D 107 20.05 16.27 -8.52
CA LEU D 107 19.58 15.08 -9.22
C LEU D 107 20.25 13.84 -8.63
N LEU D 108 19.57 12.70 -8.78
CA LEU D 108 20.03 11.47 -8.14
C LEU D 108 21.46 11.14 -8.55
N GLU D 109 21.79 11.28 -9.83
CA GLU D 109 23.15 10.98 -10.27
C GLU D 109 24.17 12.00 -9.79
N GLU D 110 23.72 13.16 -9.28
CA GLU D 110 24.61 14.17 -8.74
C GLU D 110 24.77 14.11 -7.22
N LYS D 111 23.90 13.38 -6.52
CA LYS D 111 24.15 13.11 -5.11
C LYS D 111 25.49 12.43 -4.95
N THR D 112 26.18 12.73 -3.85
CA THR D 112 27.43 12.06 -3.54
C THR D 112 27.19 10.93 -2.55
N ASP D 113 28.13 9.98 -2.52
CA ASP D 113 28.08 8.94 -1.49
C ASP D 113 28.04 9.58 -0.10
N GLU D 114 28.75 10.70 0.07
CA GLU D 114 28.79 11.37 1.36
C GLU D 114 27.40 11.83 1.79
N MET D 115 26.59 12.31 0.85
CA MET D 115 25.22 12.70 1.15
C MET D 115 24.39 11.53 1.63
N LEU D 116 24.48 10.39 0.95
CA LEU D 116 23.73 9.22 1.40
C LEU D 116 24.19 8.77 2.78
N GLU D 117 25.51 8.75 3.01
CA GLU D 117 26.01 8.40 4.33
C GLU D 117 25.45 9.33 5.41
N GLN D 118 25.44 10.64 5.14
CA GLN D 118 24.96 11.60 6.12
C GLN D 118 23.49 11.38 6.44
N THR D 119 22.66 11.18 5.40
CA THR D 119 21.23 11.02 5.63
CA THR D 119 21.22 11.01 5.62
C THR D 119 20.92 9.69 6.31
N LEU D 120 21.63 8.63 5.93
CA LEU D 120 21.46 7.37 6.66
C LEU D 120 21.80 7.55 8.14
N THR D 121 22.82 8.36 8.45
CA THR D 121 23.18 8.54 9.86
C THR D 121 22.11 9.34 10.60
N THR D 122 21.73 10.51 10.07
CA THR D 122 20.85 11.42 10.81
C THR D 122 19.41 10.92 10.87
N SER D 123 18.96 10.16 9.88
CA SER D 123 17.62 9.59 9.94
C SER D 123 17.63 8.15 10.48
N LEU D 124 18.29 7.25 9.75
CA LEU D 124 18.14 5.82 10.03
C LEU D 124 18.93 5.39 11.26
N TRP D 125 20.25 5.65 11.29
CA TRP D 125 21.04 5.23 12.44
C TRP D 125 20.57 5.91 13.73
N ALA D 126 20.27 7.21 13.67
CA ALA D 126 19.70 7.89 14.83
C ALA D 126 18.48 7.15 15.37
N THR D 127 17.61 6.69 14.48
CA THR D 127 16.37 6.04 14.92
C THR D 127 16.69 4.65 15.48
N TRP D 128 17.56 3.90 14.81
CA TRP D 128 18.02 2.60 15.29
C TRP D 128 18.61 2.72 16.69
N TRP D 129 19.57 3.64 16.88
CA TRP D 129 20.22 3.79 18.18
C TRP D 129 19.23 4.19 19.26
N ALA D 130 18.38 5.19 18.99
CA ALA D 130 17.43 5.65 20.00
C ALA D 130 16.42 4.58 20.35
N MET D 131 15.89 3.87 19.34
CA MET D 131 14.93 2.81 19.61
C MET D 131 15.51 1.74 20.52
N ARG D 132 16.75 1.31 20.22
CA ARG D 132 17.36 0.24 21.00
C ARG D 132 17.74 0.70 22.41
N ALA D 133 18.07 1.99 22.58
CA ALA D 133 18.37 2.49 23.92
C ALA D 133 17.09 2.66 24.74
N ALA D 134 16.05 3.24 24.15
CA ALA D 134 14.77 3.43 24.86
C ALA D 134 14.09 2.10 25.16
N PHE D 135 14.37 1.07 24.36
CA PHE D 135 13.77 -0.26 24.56
C PHE D 135 14.01 -0.77 25.98
N VAL D 136 15.18 -0.49 26.55
CA VAL D 136 15.53 -1.07 27.84
C VAL D 136 14.56 -0.58 28.92
N PRO D 137 14.35 0.72 29.14
CA PRO D 137 13.38 1.11 30.18
C PRO D 137 11.95 0.78 29.81
N MET D 138 11.61 0.83 28.52
CA MET D 138 10.24 0.50 28.11
C MET D 138 9.92 -0.96 28.40
N ARG D 139 10.84 -1.86 28.06
CA ARG D 139 10.65 -3.27 28.35
CA ARG D 139 10.62 -3.27 28.35
C ARG D 139 10.49 -3.50 29.85
N GLU D 140 11.30 -2.81 30.65
CA GLU D 140 11.27 -2.99 32.09
C GLU D 140 9.89 -2.70 32.65
N ARG D 141 9.20 -1.70 32.09
CA ARG D 141 7.89 -1.32 32.60
C ARG D 141 6.76 -1.91 31.77
N ARG D 142 7.09 -2.66 30.72
CA ARG D 142 6.10 -3.25 29.81
C ARG D 142 5.12 -2.20 29.30
N TRP D 143 5.66 -1.07 28.88
CA TRP D 143 4.86 0.01 28.31
C TRP D 143 5.78 0.90 27.47
N GLY D 144 5.48 1.04 26.19
CA GLY D 144 6.29 1.90 25.36
C GLY D 144 5.52 2.36 24.14
N ARG D 145 5.84 3.58 23.70
CA ARG D 145 5.32 4.15 22.46
C ARG D 145 6.49 4.74 21.70
N ILE D 146 6.75 4.23 20.49
CA ILE D 146 7.78 4.78 19.63
C ILE D 146 7.10 5.37 18.41
N VAL D 147 7.39 6.64 18.11
CA VAL D 147 6.81 7.36 16.99
C VAL D 147 7.97 7.78 16.09
N ASN D 148 8.03 7.19 14.90
CA ASN D 148 9.04 7.52 13.91
C ASN D 148 8.42 8.40 12.84
N PHE D 149 9.25 9.15 12.14
CA PHE D 149 8.79 10.08 11.12
CA PHE D 149 8.79 10.08 11.12
C PHE D 149 9.39 9.67 9.77
N TYR D 150 8.53 9.45 8.79
CA TYR D 150 9.06 9.24 7.45
C TYR D 150 8.47 10.33 6.57
N SER D 151 8.31 10.10 5.27
CA SER D 151 7.90 11.20 4.41
C SER D 151 7.13 10.66 3.22
N ILE D 152 6.15 11.46 2.77
CA ILE D 152 5.46 11.18 1.52
C ILE D 152 6.44 11.11 0.36
N ASP D 153 7.60 11.74 0.48
CA ASP D 153 8.60 11.67 -0.58
C ASP D 153 9.05 10.23 -0.85
N THR D 154 9.02 9.37 0.18
CA THR D 154 9.39 7.96 -0.01
C THR D 154 8.39 7.25 -0.90
N GLU D 155 7.18 7.76 -1.01
CA GLU D 155 6.14 7.11 -1.79
C GLU D 155 5.98 7.70 -3.17
N THR D 156 6.30 8.99 -3.34
CA THR D 156 6.30 9.58 -4.68
C THR D 156 7.65 9.48 -5.37
N GLY D 157 8.69 9.06 -4.67
CA GLY D 157 10.03 9.16 -5.24
C GLY D 157 10.41 10.58 -5.58
N ALA D 158 10.13 11.53 -4.69
CA ALA D 158 10.25 12.94 -5.01
C ALA D 158 11.63 13.29 -5.57
N TRP D 159 11.63 14.06 -6.65
CA TRP D 159 12.87 14.50 -7.28
C TRP D 159 13.77 15.23 -6.28
N LEU D 160 15.08 15.07 -6.47
CA LEU D 160 16.15 15.78 -5.79
C LEU D 160 16.35 15.30 -4.35
N HIS D 161 15.58 14.33 -3.88
CA HIS D 161 15.64 13.88 -2.49
C HIS D 161 16.03 12.40 -2.40
N GLY D 162 16.77 11.88 -3.39
CA GLY D 162 16.95 10.44 -3.50
C GLY D 162 17.55 9.78 -2.27
N ASP D 163 18.52 10.45 -1.64
CA ASP D 163 19.13 9.89 -0.43
C ASP D 163 18.16 9.92 0.74
N TYR D 164 17.45 11.03 0.90
CA TYR D 164 16.39 11.15 1.92
C TYR D 164 15.31 10.10 1.73
N ASN D 165 14.82 9.94 0.49
CA ASN D 165 13.78 8.96 0.20
C ASN D 165 14.23 7.56 0.62
N THR D 166 15.51 7.25 0.38
CA THR D 166 16.06 5.93 0.68
C THR D 166 16.11 5.70 2.19
N ALA D 167 16.68 6.66 2.92
CA ALA D 167 16.79 6.51 4.37
C ALA D 167 15.43 6.46 5.04
N LYS D 168 14.49 7.32 4.62
CA LYS D 168 13.19 7.35 5.27
C LYS D 168 12.36 6.11 4.93
N ALA D 169 12.56 5.53 3.75
CA ALA D 169 11.94 4.24 3.48
C ALA D 169 12.48 3.17 4.42
N GLY D 170 13.78 3.23 4.70
CA GLY D 170 14.37 2.33 5.67
C GLY D 170 13.70 2.42 7.03
N ILE D 171 13.33 3.65 7.43
CA ILE D 171 12.65 3.84 8.72
CA ILE D 171 12.63 3.87 8.70
C ILE D 171 11.34 3.06 8.76
N VAL D 172 10.61 2.98 7.65
CA VAL D 172 9.37 2.20 7.64
C VAL D 172 9.66 0.72 7.88
N GLY D 173 10.68 0.17 7.20
CA GLY D 173 11.07 -1.20 7.46
C GLY D 173 11.44 -1.45 8.91
N LEU D 174 12.18 -0.52 9.51
CA LEU D 174 12.57 -0.65 10.91
C LEU D 174 11.38 -0.53 11.84
N THR D 175 10.45 0.38 11.49
CA THR D 175 9.23 0.55 12.28
C THR D 175 8.43 -0.76 12.33
N ARG D 176 8.23 -1.39 11.17
CA ARG D 176 7.45 -2.63 11.11
C ARG D 176 8.14 -3.76 11.84
N SER D 177 9.48 -3.84 11.73
CA SER D 177 10.23 -4.91 12.41
C SER D 177 10.07 -4.81 13.93
N ALA D 178 10.26 -3.61 14.48
CA ALA D 178 10.14 -3.44 15.92
C ALA D 178 8.70 -3.63 16.39
N ALA D 179 7.73 -3.18 15.58
CA ALA D 179 6.34 -3.40 15.96
C ALA D 179 6.04 -4.89 16.05
N SER D 180 6.55 -5.66 15.09
CA SER D 180 6.33 -7.10 15.06
CA SER D 180 6.31 -7.10 15.07
C SER D 180 6.91 -7.77 16.29
N GLU D 181 8.17 -7.45 16.63
CA GLU D 181 8.88 -8.16 17.69
C GLU D 181 8.57 -7.64 19.09
N TRP D 182 8.37 -6.34 19.26
CA TRP D 182 8.31 -5.76 20.59
C TRP D 182 6.89 -5.62 21.13
N GLY D 183 5.87 -5.95 20.32
CA GLY D 183 4.51 -5.98 20.85
C GLY D 183 4.33 -6.91 22.03
N ARG D 184 5.17 -7.96 22.14
CA ARG D 184 5.05 -8.87 23.26
C ARG D 184 5.39 -8.20 24.59
N PHE D 185 6.04 -7.04 24.57
CA PHE D 185 6.30 -6.25 25.76
C PHE D 185 5.36 -5.07 25.92
N ASN D 186 4.30 -4.99 25.10
CA ASN D 186 3.39 -3.85 25.07
C ASN D 186 4.13 -2.56 24.69
N ILE D 187 5.06 -2.69 23.76
CA ILE D 187 5.70 -1.55 23.12
C ILE D 187 5.14 -1.46 21.71
N THR D 188 4.51 -0.34 21.38
CA THR D 188 4.02 -0.14 20.02
C THR D 188 4.95 0.79 19.26
N VAL D 189 4.97 0.63 17.94
CA VAL D 189 5.93 1.35 17.08
C VAL D 189 5.18 1.73 15.80
N ASN D 190 5.07 3.03 15.54
CA ASN D 190 4.32 3.49 14.37
C ASN D 190 5.09 4.64 13.73
N ALA D 191 4.74 4.96 12.47
CA ALA D 191 5.43 6.02 11.75
C ALA D 191 4.43 6.99 11.15
N ILE D 192 4.74 8.29 11.28
CA ILE D 192 3.92 9.37 10.74
C ILE D 192 4.65 9.98 9.56
N ALA D 193 3.91 10.24 8.48
CA ALA D 193 4.42 11.03 7.37
C ALA D 193 3.73 12.39 7.43
N PRO D 194 4.36 13.39 8.02
CA PRO D 194 3.70 14.69 8.22
C PRO D 194 4.05 15.66 7.13
N THR D 195 3.25 16.71 6.98
CA THR D 195 3.73 17.92 6.33
C THR D 195 3.33 19.09 7.22
N ALA D 196 4.24 20.04 7.39
CA ALA D 196 3.91 21.19 8.23
C ALA D 196 4.88 22.32 7.92
N MET D 197 4.64 23.46 8.58
CA MET D 197 5.45 24.66 8.36
C MET D 197 6.63 24.59 9.31
N GLY D 198 7.67 23.84 8.90
CA GLY D 198 8.94 23.78 9.58
C GLY D 198 9.99 24.64 8.90
N ALA D 199 11.26 24.30 9.15
CA ALA D 199 12.35 25.13 8.63
C ALA D 199 12.39 25.10 7.10
N THR D 200 12.21 23.92 6.50
CA THR D 200 12.21 23.82 5.05
C THR D 200 11.08 24.65 4.44
N PHE D 201 9.88 24.56 5.01
CA PHE D 201 8.75 25.32 4.49
C PHE D 201 9.06 26.81 4.42
N PHE D 202 9.64 27.34 5.50
CA PHE D 202 9.89 28.78 5.54
C PHE D 202 11.03 29.17 4.62
N GLU D 203 11.99 28.27 4.40
CA GLU D 203 13.02 28.51 3.40
C GLU D 203 12.41 28.62 2.01
N LEU D 204 11.53 27.67 1.66
CA LEU D 204 10.89 27.70 0.35
C LEU D 204 9.98 28.91 0.21
N ALA D 205 9.27 29.26 1.30
CA ALA D 205 8.36 30.41 1.24
C ALA D 205 9.12 31.71 1.06
N ALA D 206 10.35 31.80 1.59
CA ALA D 206 11.15 33.01 1.42
C ALA D 206 11.68 33.14 0.00
N LYS D 207 11.98 32.00 -0.65
CA LYS D 207 12.50 32.03 -2.02
C LYS D 207 11.41 32.16 -3.07
N ASN D 208 10.15 31.83 -2.73
CA ASN D 208 9.04 31.90 -3.67
C ASN D 208 7.81 32.48 -2.97
N PRO D 209 7.33 33.66 -3.38
CA PRO D 209 6.23 34.30 -2.66
C PRO D 209 4.87 33.65 -2.89
N GLU D 210 4.70 32.86 -3.94
CA GLU D 210 3.47 32.12 -4.17
C GLU D 210 3.55 30.68 -3.67
N PHE D 211 4.67 30.28 -3.06
CA PHE D 211 4.84 28.89 -2.66
C PHE D 211 3.80 28.47 -1.63
N ALA D 212 3.55 29.31 -0.62
CA ALA D 212 2.66 28.91 0.47
C ALA D 212 1.24 28.67 -0.03
N GLU D 213 0.72 29.60 -0.84
CA GLU D 213 -0.64 29.46 -1.35
CA GLU D 213 -0.65 29.44 -1.34
C GLU D 213 -0.78 28.24 -2.25
N ARG D 214 0.24 27.97 -3.08
CA ARG D 214 0.19 26.79 -3.94
C ARG D 214 0.30 25.51 -3.12
N SER D 215 1.12 25.53 -2.06
CA SER D 215 1.27 24.34 -1.23
C SER D 215 -0.02 24.02 -0.49
N ALA D 216 -0.70 25.04 0.03
CA ALA D 216 -1.97 24.82 0.71
C ALA D 216 -3.02 24.27 -0.25
N ALA D 217 -3.13 24.86 -1.44
CA ALA D 217 -4.13 24.44 -2.42
C ALA D 217 -3.87 23.04 -2.98
N ALA D 218 -2.67 22.49 -2.79
CA ALA D 218 -2.34 21.20 -3.39
C ALA D 218 -3.03 20.02 -2.72
N ARG D 219 -3.73 20.22 -1.61
CA ARG D 219 -4.22 19.10 -0.82
C ARG D 219 -5.71 19.26 -0.53
N PRO D 220 -6.39 18.14 -0.22
CA PRO D 220 -7.84 18.17 0.01
C PRO D 220 -8.31 19.15 1.08
N LEU D 221 -7.57 19.33 2.17
CA LEU D 221 -8.03 20.25 3.20
C LEU D 221 -7.66 21.70 2.91
N GLY D 222 -6.86 21.95 1.87
CA GLY D 222 -6.71 23.30 1.37
C GLY D 222 -5.97 24.25 2.29
N ARG D 223 -5.15 23.74 3.20
CA ARG D 223 -4.39 24.62 4.09
C ARG D 223 -3.11 23.90 4.49
N SER D 224 -2.12 24.71 4.88
CA SER D 224 -0.84 24.20 5.33
C SER D 224 -0.92 23.78 6.80
N GLY D 225 -0.02 22.88 7.20
CA GLY D 225 -0.05 22.28 8.52
C GLY D 225 0.68 23.12 9.56
N ASP D 226 0.04 23.28 10.71
CA ASP D 226 0.74 23.89 11.84
C ASP D 226 1.39 22.79 12.68
N PRO D 227 2.68 22.90 13.01
CA PRO D 227 3.32 21.82 13.78
C PRO D 227 2.56 21.45 15.05
N GLU D 228 2.21 22.43 15.90
CA GLU D 228 1.61 22.08 17.19
C GLU D 228 0.15 21.64 17.03
N GLN D 229 -0.65 22.38 16.25
CA GLN D 229 -2.08 22.12 16.21
C GLN D 229 -2.45 20.97 15.28
N ASP D 230 -1.65 20.72 14.24
CA ASP D 230 -2.00 19.68 13.25
C ASP D 230 -1.20 18.40 13.40
N ILE D 231 0.11 18.47 13.68
CA ILE D 231 0.90 17.25 13.83
C ILE D 231 0.92 16.77 15.28
N GLY D 232 1.00 17.71 16.21
CA GLY D 232 1.01 17.44 17.64
C GLY D 232 0.01 16.39 18.08
N PRO D 233 -1.28 16.59 17.77
CA PRO D 233 -2.29 15.65 18.25
C PRO D 233 -2.17 14.25 17.65
N ALA D 234 -1.66 14.13 16.42
CA ALA D 234 -1.43 12.80 15.88
C ALA D 234 -0.31 12.09 16.63
N ALA D 235 0.74 12.83 17.00
CA ALA D 235 1.78 12.24 17.84
C ALA D 235 1.22 11.87 19.23
N VAL D 236 0.37 12.72 19.80
CA VAL D 236 -0.25 12.41 21.09
C VAL D 236 -1.04 11.10 20.99
N PHE D 237 -1.83 10.95 19.93
CA PHE D 237 -2.56 9.69 19.72
C PHE D 237 -1.61 8.50 19.76
N PHE D 238 -0.53 8.54 18.98
CA PHE D 238 0.42 7.43 18.92
C PHE D 238 1.33 7.35 20.14
N ALA D 239 1.23 8.28 21.09
CA ALA D 239 2.01 8.25 22.32
C ALA D 239 1.16 7.89 23.54
N SER D 240 -0.11 7.53 23.33
CA SER D 240 -1.06 7.47 24.44
C SER D 240 -1.74 6.11 24.47
N GLU D 241 -2.61 5.91 25.47
CA GLU D 241 -3.43 4.71 25.50
C GLU D 241 -4.41 4.63 24.35
N MET D 242 -4.73 5.75 23.69
CA MET D 242 -5.72 5.72 22.61
C MET D 242 -5.30 4.78 21.50
N SER D 243 -4.00 4.63 21.28
CA SER D 243 -3.46 3.79 20.22
C SER D 243 -2.94 2.45 20.74
N ARG D 244 -3.44 2.01 21.89
CA ARG D 244 -2.92 0.81 22.54
C ARG D 244 -3.09 -0.46 21.71
N PHE D 245 -3.99 -0.46 20.71
CA PHE D 245 -4.19 -1.62 19.85
C PHE D 245 -3.72 -1.35 18.42
N VAL D 246 -2.87 -0.35 18.23
CA VAL D 246 -2.38 0.06 16.91
C VAL D 246 -0.87 -0.06 16.91
N THR D 247 -0.32 -0.88 16.02
CA THR D 247 1.14 -0.94 15.95
C THR D 247 1.56 -1.33 14.53
N GLY D 248 2.72 -0.84 14.13
CA GLY D 248 3.25 -1.14 12.81
C GLY D 248 2.63 -0.36 11.68
N GLU D 249 1.91 0.70 11.98
CA GLU D 249 1.15 1.45 10.99
C GLU D 249 1.92 2.68 10.51
N THR D 250 1.56 3.12 9.30
CA THR D 250 2.00 4.39 8.76
C THR D 250 0.76 5.27 8.65
N LEU D 251 0.87 6.52 9.06
CA LEU D 251 -0.26 7.44 8.95
C LEU D 251 0.21 8.75 8.34
N HIS D 252 -0.51 9.22 7.32
CA HIS D 252 -0.23 10.51 6.70
C HIS D 252 -0.95 11.59 7.47
N VAL D 253 -0.20 12.60 7.91
CA VAL D 253 -0.78 13.73 8.62
C VAL D 253 -0.39 14.98 7.84
N ASP D 254 -1.18 15.25 6.78
CA ASP D 254 -0.72 16.09 5.69
C ASP D 254 -1.86 16.81 4.98
N GLY D 255 -3.03 16.95 5.60
CA GLY D 255 -4.11 17.61 4.92
C GLY D 255 -4.68 16.81 3.77
N GLY D 256 -4.32 15.54 3.67
CA GLY D 256 -4.75 14.69 2.58
C GLY D 256 -3.83 14.68 1.38
N LEU D 257 -2.66 15.29 1.47
CA LEU D 257 -1.79 15.41 0.31
C LEU D 257 -1.49 14.06 -0.35
N HIS D 258 -1.39 12.99 0.45
CA HIS D 258 -1.09 11.67 -0.09
C HIS D 258 -2.08 11.22 -1.16
N LEU D 259 -3.31 11.77 -1.19
CA LEU D 259 -4.26 11.36 -2.22
C LEU D 259 -3.86 11.90 -3.60
N PRO D 260 -3.79 13.22 -3.85
CA PRO D 260 -3.35 13.68 -5.18
C PRO D 260 -1.86 13.53 -5.44
N GLY D 261 -1.04 13.33 -4.39
CA GLY D 261 0.40 13.40 -4.60
C GLY D 261 0.80 14.82 -4.97
N TYR D 262 1.95 14.93 -5.63
CA TYR D 262 2.47 16.19 -6.11
CA TYR D 262 2.44 16.20 -6.14
C TYR D 262 3.57 15.91 -7.12
N ASN D 263 3.64 16.71 -8.17
CA ASN D 263 4.67 16.55 -9.20
C ASN D 263 5.86 17.39 -8.81
N SER D 264 6.98 16.74 -8.49
CA SER D 264 8.18 17.43 -8.02
C SER D 264 9.26 17.59 -9.09
N ARG D 265 8.96 17.38 -10.37
CA ARG D 265 9.97 17.56 -11.39
CA ARG D 265 9.98 17.57 -11.38
C ARG D 265 10.40 19.02 -11.43
N PRO D 266 11.70 19.31 -11.40
CA PRO D 266 12.15 20.71 -11.43
C PRO D 266 11.79 21.39 -12.75
N ALA D 267 11.54 22.70 -12.65
CA ALA D 267 11.08 23.46 -13.81
C ALA D 267 12.02 23.34 -15.00
N GLY D 268 13.33 23.26 -14.75
CA GLY D 268 14.27 23.26 -15.85
C GLY D 268 14.57 21.93 -16.51
N ILE D 269 13.87 20.87 -16.13
CA ILE D 269 14.14 19.52 -16.61
C ILE D 269 13.08 19.14 -17.64
N LYS D 270 13.51 18.73 -18.82
CA LYS D 270 12.56 18.30 -19.85
C LYS D 270 12.01 16.93 -19.48
N PRO D 271 10.68 16.74 -19.55
CA PRO D 271 10.09 15.45 -19.11
C PRO D 271 10.54 14.26 -19.92
N ARG D 272 10.84 14.44 -21.20
CA ARG D 272 11.20 13.34 -22.09
C ARG D 272 12.47 13.73 -22.86
N GLU D 273 13.52 12.91 -22.72
CA GLU D 273 14.78 13.14 -23.40
C GLU D 273 15.18 11.96 -24.29
N TYR D 274 14.19 11.18 -24.74
CA TYR D 274 14.44 10.06 -25.65
C TYR D 274 13.45 10.08 -26.80
#